data_4L1M
#
_entry.id   4L1M
#
_cell.length_a   94.159
_cell.length_b   94.159
_cell.length_c   281.894
_cell.angle_alpha   90.00
_cell.angle_beta   90.00
_cell.angle_gamma   120.00
#
_symmetry.space_group_name_H-M   'P 32 2 1'
#
loop_
_entity.id
_entity.type
_entity.pdbx_description
1 polymer 'E3 ubiquitin-protein ligase HERC2'
2 non-polymer 'SULFATE ION'
3 non-polymer 'UNKNOWN ATOM OR ION'
4 water water
#
_entity_poly.entity_id   1
_entity_poly.type   'polypeptide(L)'
_entity_poly.pdbx_seq_one_letter_code
;MHHHHHHSSGRENLYFQGSHKGSLQEVIGWGLIGWKYYANVIGPIQCEGLANLGVTQIACAEKRFLILSRNGRVYTQAYN
SDTLAPQLVQGLASRNIVKIAAHSDGHHYLALAATGEVYSWGCGDGGRLGHGDTVPLEEPKVISAFSGKQAGKHVVHIAC
GSTYSAAITAEGELYTWGRGNYGRLGHGSSEDEAIPMLVAGLKGLKVIDVACGSGDAQTLAVTENGQVWSWGDGDYGKLG
RGGSDGCKTPKLIEKLQDLDVVKVRCGSQFSIALTKDGQVYSWGKGDNQRLGHGTEEHVRYPKLLEGLQGKKVIDVAAGS
THCLALTEDSEVHSWGSNDQCQHFDTLRVTKPEPAALPGLDTKHIVGIACGPAQSFAWSSCSEWSIGLRVPF
;
_entity_poly.pdbx_strand_id   A,B,C
#
# COMPACT_ATOMS: atom_id res chain seq x y z
N LEU A 24 -48.02 12.97 5.37
N LEU A 24 -45.77 12.82 6.33
CA LEU A 24 -46.56 12.73 5.21
CA LEU A 24 -46.72 12.72 5.18
C LEU A 24 -46.15 11.86 3.99
N GLN A 25 -45.06 12.32 3.37
CA GLN A 25 -44.23 11.57 2.36
C GLN A 25 -43.87 10.21 2.98
N GLU A 26 -43.58 9.18 2.17
CA GLU A 26 -43.04 7.93 2.69
C GLU A 26 -41.56 7.82 2.39
N VAL A 27 -40.80 7.48 3.42
CA VAL A 27 -39.39 7.20 3.32
C VAL A 27 -39.14 5.86 3.98
N ILE A 28 -38.79 4.88 3.17
CA ILE A 28 -38.54 3.52 3.62
C ILE A 28 -37.05 3.21 3.56
N GLY A 29 -36.57 2.54 4.61
CA GLY A 29 -35.18 2.09 4.67
C GLY A 29 -35.08 0.66 5.15
N TRP A 30 -34.01 -0.01 4.75
CA TRP A 30 -33.75 -1.36 5.24
C TRP A 30 -32.30 -1.69 5.08
N GLY A 31 -31.86 -2.73 5.79
CA GLY A 31 -30.45 -3.11 5.81
C GLY A 31 -29.86 -2.94 7.20
N LEU A 32 -28.57 -2.66 7.28
CA LEU A 32 -27.87 -2.56 8.57
C LEU A 32 -28.11 -1.17 9.16
N ILE A 33 -29.14 -1.08 9.96
CA ILE A 33 -29.60 0.18 10.52
C ILE A 33 -29.73 0.02 12.00
N GLY A 34 -29.06 0.90 12.74
CA GLY A 34 -28.91 0.74 14.17
C GLY A 34 -30.00 1.36 15.05
N TRP A 35 -30.93 2.12 14.50
CA TRP A 35 -32.00 2.74 15.31
CA TRP A 35 -31.98 2.76 15.32
C TRP A 35 -33.19 1.80 15.55
N LYS A 36 -33.43 0.88 14.58
CA LYS A 36 -34.52 -0.12 14.59
C LYS A 36 -34.22 -1.25 15.56
N TYR A 37 -35.18 -1.55 16.43
CA TYR A 37 -35.06 -2.68 17.36
C TYR A 37 -34.80 -3.99 16.61
N GLY A 43 -38.08 -6.24 8.41
CA GLY A 43 -37.75 -5.98 7.01
C GLY A 43 -37.65 -4.49 6.76
N PRO A 44 -38.47 -3.94 5.84
CA PRO A 44 -38.41 -2.52 5.51
C PRO A 44 -39.03 -1.67 6.61
N ILE A 45 -38.42 -0.52 6.89
CA ILE A 45 -38.93 0.31 8.00
C ILE A 45 -39.25 1.72 7.54
N GLN A 46 -40.33 2.26 8.10
CA GLN A 46 -40.85 3.55 7.75
C GLN A 46 -40.08 4.55 8.57
N CYS A 47 -39.38 5.47 7.93
CA CYS A 47 -38.56 6.44 8.65
C CYS A 47 -39.24 7.79 8.83
N GLU A 48 -40.18 7.91 9.76
CA GLU A 48 -40.96 9.16 9.82
C GLU A 48 -40.07 10.36 10.14
N GLY A 49 -39.00 10.12 10.88
CA GLY A 49 -38.03 11.16 11.18
C GLY A 49 -37.50 11.85 9.94
N LEU A 50 -37.27 11.08 8.88
CA LEU A 50 -36.83 11.61 7.59
C LEU A 50 -37.94 12.27 6.77
N ALA A 51 -39.14 11.73 6.86
CA ALA A 51 -40.27 12.26 6.11
C ALA A 51 -40.57 13.71 6.50
N ASN A 52 -40.41 14.04 7.78
CA ASN A 52 -40.63 15.42 8.28
C ASN A 52 -39.81 16.45 7.51
N LEU A 53 -38.61 16.06 7.11
CA LEU A 53 -37.72 16.94 6.37
C LEU A 53 -38.23 17.27 4.96
N GLY A 54 -38.98 16.36 4.35
CA GLY A 54 -39.33 16.51 2.93
C GLY A 54 -38.12 16.17 2.09
N VAL A 55 -37.88 14.88 1.91
CA VAL A 55 -36.67 14.38 1.24
C VAL A 55 -36.75 14.52 -0.27
N THR A 56 -35.70 15.08 -0.88
CA THR A 56 -35.60 15.17 -2.34
C THR A 56 -34.43 14.33 -2.82
N GLN A 57 -33.42 14.17 -1.96
CA GLN A 57 -32.22 13.42 -2.27
C GLN A 57 -31.59 12.82 -1.03
N ILE A 58 -30.93 11.68 -1.18
CA ILE A 58 -30.13 11.09 -0.14
C ILE A 58 -28.80 10.62 -0.72
N ALA A 59 -27.70 11.05 -0.10
CA ALA A 59 -26.36 10.66 -0.52
C ALA A 59 -25.72 9.82 0.59
N CYS A 60 -25.45 8.56 0.28
CA CYS A 60 -25.00 7.62 1.25
C CYS A 60 -23.49 7.56 1.27
N ALA A 61 -22.90 7.85 2.43
CA ALA A 61 -21.48 7.64 2.64
C ALA A 61 -21.27 6.32 3.38
N GLU A 62 -20.08 6.08 3.89
CA GLU A 62 -19.78 4.79 4.52
C GLU A 62 -20.38 4.60 5.91
N LYS A 63 -20.29 5.60 6.78
CA LYS A 63 -20.84 5.49 8.15
C LYS A 63 -22.09 6.32 8.36
N ARG A 64 -22.40 7.19 7.41
CA ARG A 64 -23.54 8.07 7.54
C ARG A 64 -24.10 8.48 6.18
N PHE A 65 -25.24 9.15 6.20
CA PHE A 65 -25.83 9.66 4.98
C PHE A 65 -26.29 11.08 5.15
N LEU A 66 -26.31 11.79 4.04
CA LEU A 66 -26.79 13.13 3.95
C LEU A 66 -28.19 13.10 3.37
N ILE A 67 -29.03 14.00 3.85
CA ILE A 67 -30.38 14.15 3.32
C ILE A 67 -30.58 15.58 2.89
N LEU A 68 -31.07 15.80 1.67
CA LEU A 68 -31.39 17.14 1.20
C LEU A 68 -32.89 17.34 1.32
N SER A 69 -33.30 18.46 1.92
CA SER A 69 -34.72 18.76 2.16
CA SER A 69 -34.70 18.75 2.18
C SER A 69 -35.28 19.66 1.07
N ARG A 70 -36.59 19.61 0.89
CA ARG A 70 -37.31 20.44 -0.09
C ARG A 70 -36.88 21.92 0.02
N ASN A 71 -36.64 22.38 1.25
CA ASN A 71 -36.27 23.79 1.52
C ASN A 71 -34.77 24.09 1.31
N GLY A 72 -34.01 23.12 0.85
CA GLY A 72 -32.62 23.38 0.50
C GLY A 72 -31.66 23.32 1.67
N ARG A 73 -32.08 22.64 2.74
CA ARG A 73 -31.16 22.37 3.82
C ARG A 73 -30.68 20.93 3.77
N VAL A 74 -29.54 20.68 4.41
CA VAL A 74 -28.87 19.40 4.41
C VAL A 74 -28.74 18.84 5.85
N TYR A 75 -29.11 17.58 6.03
CA TYR A 75 -29.05 16.94 7.32
C TYR A 75 -28.18 15.75 7.24
N THR A 76 -27.64 15.35 8.39
CA THR A 76 -26.78 14.16 8.43
C THR A 76 -27.25 13.21 9.51
N GLN A 77 -27.12 11.92 9.24
CA GLN A 77 -27.50 10.87 10.16
C GLN A 77 -26.53 9.69 10.01
N ALA A 78 -26.12 9.09 11.13
CA ALA A 78 -25.29 7.86 11.09
C ALA A 78 -26.19 6.64 10.96
N TYR A 79 -25.71 5.63 10.22
CA TYR A 79 -26.44 4.38 10.08
C TYR A 79 -26.58 3.65 11.36
N ASN A 80 -25.53 3.71 12.19
CA ASN A 80 -25.48 2.89 13.40
C ASN A 80 -25.71 3.67 14.68
N SER A 81 -26.30 4.85 14.58
CA SER A 81 -26.77 5.57 15.77
C SER A 81 -27.94 4.82 16.42
N ASP A 82 -28.11 5.00 17.73
CA ASP A 82 -29.20 4.35 18.47
C ASP A 82 -30.56 5.03 18.20
N THR A 83 -30.50 6.30 17.80
CA THR A 83 -31.69 7.11 17.64
C THR A 83 -31.65 7.72 16.25
N LEU A 84 -32.80 7.68 15.58
CA LEU A 84 -32.99 8.38 14.31
C LEU A 84 -33.33 9.83 14.59
N ALA A 85 -32.50 10.76 14.15
CA ALA A 85 -32.62 12.18 14.49
C ALA A 85 -31.63 13.01 13.66
N PRO A 86 -32.00 13.30 12.42
CA PRO A 86 -31.02 13.92 11.55
C PRO A 86 -30.68 15.31 12.00
N GLN A 87 -29.40 15.61 11.94
CA GLN A 87 -28.91 16.88 12.46
C GLN A 87 -28.56 17.76 11.28
N LEU A 88 -28.82 19.04 11.49
CA LEU A 88 -28.60 20.04 10.48
C LEU A 88 -27.10 20.16 10.27
N VAL A 89 -26.67 20.16 9.01
CA VAL A 89 -25.29 20.44 8.69
C VAL A 89 -25.12 21.95 8.74
N GLN A 90 -24.34 22.43 9.71
CA GLN A 90 -24.07 23.86 9.87
C GLN A 90 -23.08 24.34 8.79
N GLY A 91 -23.19 25.60 8.42
CA GLY A 91 -22.28 26.17 7.44
C GLY A 91 -22.87 26.24 6.05
N LEU A 92 -24.07 25.70 5.88
CA LEU A 92 -24.82 25.83 4.62
C LEU A 92 -26.06 26.71 4.72
N ALA A 93 -26.41 27.13 5.94
CA ALA A 93 -27.60 27.96 6.16
C ALA A 93 -27.67 29.16 5.21
N SER A 94 -26.53 29.76 4.90
CA SER A 94 -26.49 30.88 3.96
C SER A 94 -27.20 30.57 2.61
N ARG A 95 -27.04 29.35 2.11
CA ARG A 95 -27.39 29.05 0.71
C ARG A 95 -28.50 28.00 0.53
N ASN A 96 -29.05 27.96 -0.69
CA ASN A 96 -30.09 27.03 -1.07
C ASN A 96 -29.46 25.86 -1.84
N ILE A 97 -29.32 24.72 -1.15
CA ILE A 97 -28.64 23.56 -1.75
C ILE A 97 -29.59 22.80 -2.65
N VAL A 98 -29.12 22.46 -3.83
CA VAL A 98 -29.92 21.71 -4.79
C VAL A 98 -29.36 20.34 -5.13
N LYS A 99 -28.11 20.06 -4.76
CA LYS A 99 -27.55 18.72 -4.93
C LYS A 99 -26.58 18.39 -3.83
N ILE A 100 -26.50 17.10 -3.52
CA ILE A 100 -25.53 16.59 -2.60
C ILE A 100 -24.88 15.36 -3.21
N ALA A 101 -23.71 15.01 -2.71
CA ALA A 101 -23.04 13.82 -3.17
C ALA A 101 -22.13 13.27 -2.10
N ALA A 102 -21.90 11.98 -2.22
CA ALA A 102 -21.03 11.24 -1.36
C ALA A 102 -20.97 9.87 -1.99
N HIS A 103 -20.04 9.03 -1.55
CA HIS A 103 -19.86 7.70 -2.13
C HIS A 103 -20.00 6.68 -1.05
N SER A 104 -20.58 5.52 -1.36
CA SER A 104 -20.94 4.57 -0.31
C SER A 104 -19.73 3.94 0.46
N ASP A 105 -18.53 4.04 -0.10
CA ASP A 105 -17.30 3.60 0.55
C ASP A 105 -16.44 4.82 0.95
N GLY A 106 -17.06 6.00 1.03
CA GLY A 106 -16.33 7.27 1.25
C GLY A 106 -16.62 8.00 2.56
N HIS A 107 -15.82 9.03 2.81
CA HIS A 107 -15.83 9.83 4.05
C HIS A 107 -15.72 11.32 3.73
N HIS A 108 -16.22 11.73 2.57
CA HIS A 108 -16.26 13.13 2.26
C HIS A 108 -17.52 13.43 1.47
N TYR A 109 -17.90 14.70 1.47
CA TYR A 109 -19.21 15.11 0.98
C TYR A 109 -19.03 16.31 0.09
N LEU A 110 -19.89 16.43 -0.92
CA LEU A 110 -20.05 17.65 -1.70
C LEU A 110 -21.50 18.14 -1.65
N ALA A 111 -21.66 19.46 -1.72
CA ALA A 111 -22.96 20.06 -1.82
C ALA A 111 -22.92 21.18 -2.83
N LEU A 112 -24.01 21.32 -3.59
CA LEU A 112 -24.09 22.30 -4.69
C LEU A 112 -25.25 23.24 -4.47
N ALA A 113 -24.96 24.54 -4.50
CA ALA A 113 -25.96 25.59 -4.32
C ALA A 113 -26.63 25.98 -5.64
N ALA A 114 -27.84 26.49 -5.53
CA ALA A 114 -28.58 26.98 -6.68
C ALA A 114 -27.77 28.01 -7.45
N THR A 115 -27.07 28.88 -6.71
CA THR A 115 -26.24 29.91 -7.31
C THR A 115 -24.94 29.38 -7.93
N GLY A 116 -24.62 28.10 -7.78
CA GLY A 116 -23.42 27.53 -8.41
C GLY A 116 -22.23 27.20 -7.51
N GLU A 117 -22.20 27.71 -6.27
CA GLU A 117 -21.09 27.43 -5.35
C GLU A 117 -21.08 25.97 -4.93
N VAL A 118 -19.88 25.38 -4.88
CA VAL A 118 -19.68 23.99 -4.44
C VAL A 118 -19.01 23.98 -3.07
N TYR A 119 -19.52 23.16 -2.15
CA TYR A 119 -18.96 23.03 -0.81
C TYR A 119 -18.44 21.65 -0.63
N SER A 120 -17.39 21.50 0.16
CA SER A 120 -16.84 20.18 0.44
C SER A 120 -16.47 20.07 1.90
N TRP A 121 -16.58 18.89 2.45
CA TRP A 121 -16.07 18.65 3.79
C TRP A 121 -15.81 17.17 4.04
N GLY A 122 -15.22 16.87 5.20
CA GLY A 122 -14.84 15.52 5.57
C GLY A 122 -13.36 15.32 5.43
N CYS A 123 -12.96 14.11 5.06
CA CYS A 123 -11.56 13.74 4.91
C CYS A 123 -10.87 14.50 3.79
N GLY A 124 -9.62 14.91 4.05
CA GLY A 124 -8.85 15.77 3.15
C GLY A 124 -7.75 15.06 2.39
N ASP A 125 -7.51 13.80 2.70
CA ASP A 125 -6.35 13.08 2.14
C ASP A 125 -6.37 13.08 0.62
N GLY A 126 -5.20 13.30 0.03
CA GLY A 126 -5.06 13.29 -1.43
C GLY A 126 -5.66 14.48 -2.17
N GLY A 127 -6.25 15.42 -1.43
CA GLY A 127 -6.74 16.66 -1.99
C GLY A 127 -8.17 16.57 -2.47
N ARG A 128 -8.89 15.55 -2.03
CA ARG A 128 -10.26 15.31 -2.48
C ARG A 128 -11.26 16.46 -2.20
N LEU A 129 -10.96 17.33 -1.24
CA LEU A 129 -11.87 18.43 -0.92
C LEU A 129 -11.73 19.60 -1.90
N GLY A 130 -10.64 19.65 -2.65
CA GLY A 130 -10.48 20.65 -3.69
C GLY A 130 -10.00 22.04 -3.28
N HIS A 131 -9.49 22.20 -2.07
CA HIS A 131 -9.03 23.51 -1.57
C HIS A 131 -7.54 23.75 -1.72
N GLY A 132 -6.84 22.89 -2.44
CA GLY A 132 -5.40 23.07 -2.66
C GLY A 132 -4.51 22.69 -1.48
N ASP A 133 -5.03 21.85 -0.59
CA ASP A 133 -4.23 21.25 0.49
C ASP A 133 -4.85 19.89 0.82
N THR A 134 -4.41 19.25 1.90
CA THR A 134 -4.95 17.92 2.26
C THR A 134 -5.53 17.91 3.69
N VAL A 135 -5.99 19.07 4.14
CA VAL A 135 -6.54 19.27 5.47
C VAL A 135 -7.99 18.79 5.50
N PRO A 136 -8.34 17.97 6.51
CA PRO A 136 -9.72 17.53 6.65
C PRO A 136 -10.57 18.63 7.28
N LEU A 137 -11.88 18.63 7.02
CA LEU A 137 -12.77 19.70 7.46
C LEU A 137 -14.00 19.15 8.13
N GLU A 138 -14.24 19.59 9.37
CA GLU A 138 -15.46 19.21 10.06
C GLU A 138 -16.71 19.85 9.40
N GLU A 139 -16.55 21.06 8.85
CA GLU A 139 -17.70 21.77 8.27
C GLU A 139 -17.47 22.20 6.83
N PRO A 140 -18.57 22.27 6.05
CA PRO A 140 -18.54 22.66 4.65
C PRO A 140 -17.76 23.93 4.40
N LYS A 141 -16.96 23.91 3.34
CA LYS A 141 -16.19 25.03 2.90
C LYS A 141 -16.33 25.17 1.39
N VAL A 142 -16.46 26.41 0.94
CA VAL A 142 -16.63 26.70 -0.48
C VAL A 142 -15.36 26.32 -1.19
N ILE A 143 -15.48 25.64 -2.31
CA ILE A 143 -14.35 25.41 -3.20
C ILE A 143 -14.24 26.64 -4.08
N SER A 144 -13.31 27.53 -3.73
CA SER A 144 -13.18 28.80 -4.43
C SER A 144 -12.80 28.64 -5.91
N ALA A 145 -12.16 27.54 -6.29
CA ALA A 145 -11.92 27.28 -7.71
C ALA A 145 -13.20 27.38 -8.57
N PHE A 146 -14.38 27.09 -8.01
CA PHE A 146 -15.60 27.17 -8.80
C PHE A 146 -16.39 28.48 -8.60
N SER A 147 -15.99 29.31 -7.64
CA SER A 147 -16.68 30.56 -7.38
C SER A 147 -16.35 31.64 -8.41
N GLY A 148 -17.25 32.62 -8.55
CA GLY A 148 -17.11 33.71 -9.53
C GLY A 148 -17.04 33.34 -11.00
N LYS A 149 -17.55 32.15 -11.37
CA LYS A 149 -17.56 31.70 -12.77
C LYS A 149 -18.70 32.40 -13.55
N GLN A 150 -18.61 32.41 -14.88
CA GLN A 150 -19.54 33.17 -15.73
C GLN A 150 -20.51 32.25 -16.51
N ALA A 151 -21.74 32.11 -16.03
CA ALA A 151 -22.83 31.41 -16.75
C ALA A 151 -22.58 29.91 -17.04
N GLY A 152 -22.16 29.57 -18.26
CA GLY A 152 -21.93 28.18 -18.66
C GLY A 152 -20.76 27.50 -17.95
N LYS A 153 -19.95 28.30 -17.26
CA LYS A 153 -18.91 27.74 -16.39
C LYS A 153 -19.43 27.41 -14.97
N HIS A 154 -20.74 27.50 -14.75
CA HIS A 154 -21.35 27.12 -13.47
C HIS A 154 -21.46 25.62 -13.38
N VAL A 155 -21.19 25.08 -12.20
CA VAL A 155 -21.30 23.65 -11.94
C VAL A 155 -22.77 23.26 -11.85
N VAL A 156 -23.16 22.17 -12.50
CA VAL A 156 -24.51 21.66 -12.41
C VAL A 156 -24.62 20.22 -11.93
N HIS A 157 -23.53 19.47 -11.89
CA HIS A 157 -23.54 18.13 -11.33
C HIS A 157 -22.31 17.91 -10.44
N ILE A 158 -22.46 17.09 -9.41
CA ILE A 158 -21.36 16.74 -8.52
C ILE A 158 -21.33 15.23 -8.21
N ALA A 159 -20.13 14.72 -7.93
CA ALA A 159 -19.99 13.31 -7.69
C ALA A 159 -18.79 13.08 -6.82
N CYS A 160 -18.84 11.99 -6.05
CA CYS A 160 -17.72 11.55 -5.24
C CYS A 160 -17.33 10.12 -5.55
N GLY A 161 -16.03 9.87 -5.46
CA GLY A 161 -15.49 8.52 -5.35
C GLY A 161 -15.12 8.27 -3.91
N SER A 162 -14.49 7.14 -3.64
CA SER A 162 -14.04 6.85 -2.27
C SER A 162 -12.94 7.81 -1.87
N THR A 163 -12.08 8.18 -2.82
CA THR A 163 -10.97 9.06 -2.52
C THR A 163 -10.78 10.24 -3.48
N TYR A 164 -11.78 10.51 -4.30
CA TYR A 164 -11.69 11.61 -5.26
C TYR A 164 -13.06 12.21 -5.51
N SER A 165 -13.11 13.19 -6.40
CA SER A 165 -14.30 14.00 -6.60
C SER A 165 -14.40 14.42 -8.08
N ALA A 166 -15.61 14.76 -8.51
CA ALA A 166 -15.79 15.34 -9.84
C ALA A 166 -16.92 16.36 -9.88
N ALA A 167 -16.93 17.16 -10.94
CA ALA A 167 -18.03 18.05 -11.18
C ALA A 167 -18.15 18.40 -12.64
N ILE A 168 -19.36 18.70 -13.07
CA ILE A 168 -19.65 19.02 -14.46
C ILE A 168 -20.21 20.45 -14.54
N THR A 169 -19.75 21.25 -15.50
CA THR A 169 -20.30 22.57 -15.71
C THR A 169 -21.46 22.55 -16.69
N ALA A 170 -22.15 23.67 -16.81
CA ALA A 170 -23.29 23.78 -17.73
C ALA A 170 -22.84 23.66 -19.21
N GLU A 171 -21.65 24.17 -19.55
CA GLU A 171 -21.04 23.98 -20.91
C GLU A 171 -20.67 22.51 -21.24
N GLY A 172 -20.52 21.66 -20.21
CA GLY A 172 -20.13 20.27 -20.44
C GLY A 172 -18.66 19.93 -20.18
N GLU A 173 -17.94 20.78 -19.46
CA GLU A 173 -16.60 20.43 -18.99
C GLU A 173 -16.67 19.55 -17.77
N LEU A 174 -15.74 18.61 -17.64
CA LEU A 174 -15.64 17.72 -16.51
C LEU A 174 -14.34 18.00 -15.76
N TYR A 175 -14.45 18.20 -14.44
CA TYR A 175 -13.32 18.48 -13.56
C TYR A 175 -13.24 17.34 -12.58
N THR A 176 -12.04 16.84 -12.32
CA THR A 176 -11.83 15.82 -11.32
C THR A 176 -10.71 16.25 -10.39
N TRP A 177 -10.69 15.71 -9.18
CA TRP A 177 -9.61 16.01 -8.21
C TRP A 177 -9.61 15.01 -7.07
N GLY A 178 -8.51 14.99 -6.31
CA GLY A 178 -8.33 14.00 -5.22
C GLY A 178 -7.21 13.05 -5.58
N ARG A 179 -7.32 11.80 -5.11
CA ARG A 179 -6.26 10.80 -5.33
C ARG A 179 -6.20 10.43 -6.79
N GLY A 180 -5.00 10.16 -7.27
CA GLY A 180 -4.76 9.94 -8.70
C GLY A 180 -4.39 8.52 -9.07
N ASN A 181 -4.26 7.64 -8.07
CA ASN A 181 -3.79 6.28 -8.28
C ASN A 181 -4.54 5.59 -9.41
N TYR A 182 -3.78 4.91 -10.27
CA TYR A 182 -4.30 4.17 -11.40
C TYR A 182 -5.03 5.03 -12.43
N GLY A 183 -4.80 6.34 -12.38
CA GLY A 183 -5.33 7.25 -13.40
C GLY A 183 -6.79 7.56 -13.30
N ARG A 184 -7.37 7.40 -12.11
CA ARG A 184 -8.80 7.63 -11.91
C ARG A 184 -9.25 9.05 -12.21
N LEU A 185 -8.36 10.02 -12.14
CA LEU A 185 -8.71 11.40 -12.45
C LEU A 185 -8.79 11.67 -13.95
N GLY A 186 -8.12 10.85 -14.76
CA GLY A 186 -8.19 10.99 -16.23
C GLY A 186 -7.26 12.02 -16.88
N HIS A 187 -6.19 12.43 -16.19
CA HIS A 187 -5.27 13.41 -16.76
C HIS A 187 -3.96 12.83 -17.25
N GLY A 188 -3.93 11.54 -17.57
CA GLY A 188 -2.73 10.93 -18.17
C GLY A 188 -1.60 10.60 -17.22
N SER A 189 -1.87 10.62 -15.93
CA SER A 189 -0.87 10.22 -14.92
C SER A 189 -1.59 9.75 -13.66
N SER A 190 -0.82 9.41 -12.64
CA SER A 190 -1.35 8.97 -11.37
C SER A 190 -1.24 10.03 -10.28
N GLU A 191 -0.98 11.28 -10.69
CA GLU A 191 -0.71 12.36 -9.74
C GLU A 191 -1.98 12.80 -9.03
N ASP A 192 -1.88 12.96 -7.72
CA ASP A 192 -2.98 13.53 -6.93
C ASP A 192 -3.23 14.96 -7.36
N GLU A 193 -4.44 15.48 -7.17
CA GLU A 193 -4.73 16.91 -7.42
C GLU A 193 -5.65 17.46 -6.34
N ALA A 194 -5.21 18.50 -5.67
CA ALA A 194 -5.94 19.14 -4.59
C ALA A 194 -6.83 20.31 -5.05
N ILE A 195 -6.79 20.59 -6.35
CA ILE A 195 -7.53 21.67 -6.98
C ILE A 195 -8.23 21.02 -8.18
N PRO A 196 -9.50 21.37 -8.44
CA PRO A 196 -10.19 20.77 -9.58
C PRO A 196 -9.47 20.98 -10.90
N MET A 197 -9.38 19.93 -11.71
CA MET A 197 -8.64 20.01 -12.96
C MET A 197 -9.46 19.48 -14.12
N LEU A 198 -9.47 20.25 -15.20
CA LEU A 198 -10.19 19.93 -16.42
C LEU A 198 -9.74 18.60 -16.97
N VAL A 199 -10.70 17.75 -17.33
CA VAL A 199 -10.38 16.54 -18.07
C VAL A 199 -10.24 16.90 -19.56
N ALA A 200 -9.02 17.24 -19.97
CA ALA A 200 -8.75 17.61 -21.38
C ALA A 200 -9.23 16.60 -22.43
N GLY A 201 -9.15 15.32 -22.13
CA GLY A 201 -9.52 14.29 -23.09
C GLY A 201 -10.94 14.34 -23.59
N LEU A 202 -11.83 14.99 -22.84
CA LEU A 202 -13.24 15.12 -23.27
C LEU A 202 -13.58 16.53 -23.73
N LYS A 203 -12.60 17.44 -23.69
CA LYS A 203 -12.75 18.80 -24.16
C LYS A 203 -13.27 18.75 -25.59
N GLY A 204 -14.37 19.44 -25.86
CA GLY A 204 -15.01 19.43 -27.19
C GLY A 204 -16.30 18.63 -27.21
N LEU A 205 -16.50 17.77 -26.22
CA LEU A 205 -17.74 17.04 -26.04
C LEU A 205 -18.44 17.59 -24.82
N LYS A 206 -19.76 17.52 -24.82
CA LYS A 206 -20.53 17.96 -23.69
C LYS A 206 -20.78 16.76 -22.76
N VAL A 207 -20.10 16.75 -21.62
CA VAL A 207 -20.31 15.71 -20.62
C VAL A 207 -21.60 15.98 -19.87
N ILE A 208 -22.43 14.96 -19.68
CA ILE A 208 -23.71 15.12 -18.95
C ILE A 208 -23.88 14.26 -17.71
N ASP A 209 -23.08 13.22 -17.57
CA ASP A 209 -23.06 12.45 -16.33
C ASP A 209 -21.67 11.92 -16.08
N VAL A 210 -21.38 11.65 -14.82
CA VAL A 210 -20.11 11.08 -14.39
C VAL A 210 -20.35 10.27 -13.12
N ALA A 211 -19.64 9.16 -12.96
CA ALA A 211 -19.70 8.35 -11.74
C ALA A 211 -18.29 7.87 -11.33
N CYS A 212 -18.05 7.85 -10.02
CA CYS A 212 -16.75 7.53 -9.47
C CYS A 212 -16.78 6.25 -8.65
N GLY A 213 -15.68 5.48 -8.68
CA GLY A 213 -15.59 4.22 -8.00
C GLY A 213 -14.74 4.25 -6.73
N SER A 214 -14.43 3.04 -6.25
CA SER A 214 -13.70 2.84 -5.00
C SER A 214 -12.58 1.83 -5.15
N GLY A 215 -11.84 1.63 -4.06
CA GLY A 215 -10.59 0.84 -4.08
C GLY A 215 -9.77 1.31 -5.25
N ASP A 216 -9.29 0.38 -6.06
CA ASP A 216 -8.58 0.71 -7.29
C ASP A 216 -9.66 1.03 -8.26
N ALA A 217 -9.88 2.32 -8.44
CA ALA A 217 -11.17 2.82 -8.91
C ALA A 217 -11.17 3.11 -10.37
N GLN A 218 -12.34 2.88 -10.97
CA GLN A 218 -12.67 3.33 -12.30
C GLN A 218 -13.50 4.59 -12.24
N THR A 219 -13.59 5.26 -13.39
CA THR A 219 -14.40 6.45 -13.51
C THR A 219 -15.17 6.31 -14.81
N LEU A 220 -16.44 6.67 -14.83
CA LEU A 220 -17.26 6.57 -16.04
C LEU A 220 -17.89 7.90 -16.34
N ALA A 221 -18.12 8.17 -17.62
CA ALA A 221 -18.81 9.40 -17.99
C ALA A 221 -19.63 9.23 -19.24
N VAL A 222 -20.60 10.13 -19.43
CA VAL A 222 -21.47 10.09 -20.57
C VAL A 222 -21.46 11.46 -21.20
N THR A 223 -21.38 11.50 -22.54
CA THR A 223 -21.45 12.74 -23.27
C THR A 223 -22.84 12.87 -23.94
N GLU A 224 -23.21 14.09 -24.37
CA GLU A 224 -24.57 14.37 -24.92
C GLU A 224 -24.91 13.54 -26.14
N ASN A 225 -23.88 13.07 -26.87
CA ASN A 225 -24.15 12.16 -28.00
C ASN A 225 -24.49 10.74 -27.54
N GLY A 226 -24.63 10.56 -26.24
CA GLY A 226 -25.00 9.24 -25.71
C GLY A 226 -23.85 8.25 -25.62
N GLN A 227 -22.65 8.65 -26.02
CA GLN A 227 -21.51 7.77 -25.88
C GLN A 227 -20.99 7.81 -24.48
N VAL A 228 -20.26 6.75 -24.18
CA VAL A 228 -19.83 6.46 -22.84
C VAL A 228 -18.33 6.24 -22.80
N TRP A 229 -17.74 6.68 -21.70
CA TRP A 229 -16.28 6.69 -21.51
C TRP A 229 -15.90 6.09 -20.18
N SER A 230 -14.73 5.46 -20.16
CA SER A 230 -14.19 4.93 -18.91
C SER A 230 -12.70 5.12 -18.86
N TRP A 231 -12.20 5.22 -17.63
CA TRP A 231 -10.78 5.24 -17.37
C TRP A 231 -10.53 4.89 -15.89
N GLY A 232 -9.25 4.77 -15.54
CA GLY A 232 -8.83 4.33 -14.21
C GLY A 232 -8.35 2.89 -14.21
N ASP A 233 -8.57 2.22 -13.09
CA ASP A 233 -8.09 0.85 -12.91
C ASP A 233 -8.94 -0.15 -13.69
N GLY A 234 -8.27 -1.14 -14.28
CA GLY A 234 -8.91 -2.07 -15.20
C GLY A 234 -9.29 -3.42 -14.64
N ASP A 235 -8.89 -3.70 -13.41
CA ASP A 235 -9.20 -4.98 -12.76
C ASP A 235 -10.68 -5.37 -12.93
N TYR A 236 -10.89 -6.66 -13.16
CA TYR A 236 -12.22 -7.28 -13.32
C TYR A 236 -12.96 -6.83 -14.57
N GLY A 237 -12.27 -6.13 -15.47
CA GLY A 237 -12.85 -5.63 -16.71
C GLY A 237 -13.91 -4.55 -16.55
N LYS A 238 -13.92 -3.91 -15.39
CA LYS A 238 -14.87 -2.84 -15.12
C LYS A 238 -14.79 -1.65 -16.06
N LEU A 239 -13.74 -1.50 -16.86
CA LEU A 239 -13.67 -0.41 -17.84
C LEU A 239 -14.49 -0.72 -19.06
N GLY A 240 -14.80 -1.99 -19.26
CA GLY A 240 -15.70 -2.40 -20.37
C GLY A 240 -15.04 -2.70 -21.71
N ARG A 241 -13.72 -2.88 -21.75
CA ARG A 241 -13.03 -3.16 -23.01
C ARG A 241 -12.23 -4.46 -22.95
N GLY A 242 -12.69 -5.44 -22.19
CA GLY A 242 -12.01 -6.72 -22.06
C GLY A 242 -10.79 -6.67 -21.14
N GLY A 243 -10.29 -7.85 -20.79
CA GLY A 243 -9.10 -7.98 -20.00
C GLY A 243 -9.13 -7.22 -18.70
N SER A 244 -7.96 -6.78 -18.28
CA SER A 244 -7.87 -6.04 -17.06
C SER A 244 -6.85 -4.88 -17.08
N ASP A 245 -6.52 -4.37 -18.26
CA ASP A 245 -5.60 -3.23 -18.39
C ASP A 245 -6.31 -1.93 -17.98
N GLY A 246 -5.60 -1.08 -17.26
CA GLY A 246 -6.13 0.23 -16.89
C GLY A 246 -5.82 1.26 -17.95
N CYS A 247 -6.30 2.47 -17.76
CA CYS A 247 -5.84 3.57 -18.56
C CYS A 247 -5.97 4.86 -17.77
N LYS A 248 -5.22 5.88 -18.21
CA LYS A 248 -5.10 7.11 -17.45
C LYS A 248 -5.76 8.33 -18.11
N THR A 249 -6.42 8.11 -19.24
CA THR A 249 -7.20 9.15 -19.92
C THR A 249 -8.48 8.49 -20.42
N PRO A 250 -9.56 9.26 -20.61
CA PRO A 250 -10.85 8.71 -21.03
C PRO A 250 -10.83 7.97 -22.36
N LYS A 251 -11.48 6.82 -22.40
CA LYS A 251 -11.57 6.02 -23.59
C LYS A 251 -13.00 5.52 -23.78
N LEU A 252 -13.40 5.39 -25.03
CA LEU A 252 -14.74 5.03 -25.40
C LEU A 252 -15.05 3.58 -25.06
N ILE A 253 -16.27 3.34 -24.61
CA ILE A 253 -16.76 1.99 -24.47
C ILE A 253 -17.47 1.61 -25.75
N GLU A 254 -16.75 0.91 -26.63
CA GLU A 254 -17.21 0.61 -27.97
C GLU A 254 -18.47 -0.27 -28.01
N LYS A 255 -18.66 -1.14 -27.03
CA LYS A 255 -19.90 -1.97 -26.99
C LYS A 255 -21.17 -1.19 -26.70
N LEU A 256 -21.06 -0.02 -26.10
CA LEU A 256 -22.22 0.83 -25.80
C LEU A 256 -22.46 1.90 -26.87
N GLN A 257 -21.61 1.91 -27.90
CA GLN A 257 -21.40 3.11 -28.71
C GLN A 257 -22.54 3.37 -29.68
N ASP A 258 -23.47 2.44 -29.78
CA ASP A 258 -24.71 2.68 -30.52
C ASP A 258 -26.02 2.85 -29.69
N LEU A 259 -25.90 2.92 -28.37
CA LEU A 259 -27.07 2.92 -27.53
C LEU A 259 -27.10 4.40 -27.06
N ASP A 260 -28.27 4.88 -26.69
CA ASP A 260 -28.39 6.20 -26.12
C ASP A 260 -28.37 6.08 -24.58
N VAL A 261 -27.18 5.90 -24.06
CA VAL A 261 -26.96 5.82 -22.61
C VAL A 261 -27.09 7.23 -22.02
N VAL A 262 -27.73 7.34 -20.86
CA VAL A 262 -27.93 8.64 -20.21
C VAL A 262 -27.43 8.75 -18.74
N LYS A 263 -27.22 7.62 -18.07
CA LYS A 263 -26.63 7.65 -16.73
C LYS A 263 -25.67 6.48 -16.54
N VAL A 264 -24.65 6.72 -15.72
CA VAL A 264 -23.73 5.69 -15.31
C VAL A 264 -23.68 5.67 -13.79
N ARG A 265 -23.33 4.50 -13.26
CA ARG A 265 -23.10 4.32 -11.83
C ARG A 265 -21.94 3.36 -11.64
N CYS A 266 -21.27 3.49 -10.50
CA CYS A 266 -20.20 2.60 -10.09
C CYS A 266 -20.56 2.00 -8.73
N GLY A 267 -20.47 0.68 -8.60
CA GLY A 267 -20.46 0.05 -7.29
C GLY A 267 -19.04 -0.39 -7.09
N SER A 268 -18.79 -1.23 -6.10
CA SER A 268 -17.42 -1.66 -5.81
C SER A 268 -16.91 -2.60 -6.89
N GLN A 269 -15.99 -2.08 -7.71
CA GLN A 269 -15.34 -2.83 -8.78
C GLN A 269 -16.29 -3.27 -9.90
N PHE A 270 -17.42 -2.58 -10.05
CA PHE A 270 -18.32 -2.83 -11.18
C PHE A 270 -19.03 -1.56 -11.63
N SER A 271 -19.59 -1.64 -12.82
CA SER A 271 -20.07 -0.48 -13.52
C SER A 271 -21.46 -0.75 -14.07
N ILE A 272 -22.22 0.32 -14.23
CA ILE A 272 -23.61 0.29 -14.66
C ILE A 272 -23.84 1.39 -15.70
N ALA A 273 -24.63 1.09 -16.72
CA ALA A 273 -25.12 2.10 -17.63
C ALA A 273 -26.60 1.93 -17.84
N LEU A 274 -27.29 3.05 -18.05
CA LEU A 274 -28.72 3.07 -18.19
C LEU A 274 -29.07 3.83 -19.46
N THR A 275 -29.90 3.25 -20.32
CA THR A 275 -30.27 3.92 -21.59
C THR A 275 -31.48 4.84 -21.42
N LYS A 276 -31.67 5.74 -22.36
CA LYS A 276 -32.87 6.57 -22.44
C LYS A 276 -34.14 5.73 -22.51
N ASP A 277 -34.07 4.54 -23.11
CA ASP A 277 -35.27 3.70 -23.26
C ASP A 277 -35.36 2.63 -22.15
N GLY A 278 -34.56 2.79 -21.09
CA GLY A 278 -34.76 2.04 -19.87
C GLY A 278 -34.09 0.70 -19.74
N GLN A 279 -33.14 0.44 -20.61
CA GLN A 279 -32.34 -0.76 -20.49
C GLN A 279 -31.12 -0.50 -19.60
N VAL A 280 -30.67 -1.56 -18.93
CA VAL A 280 -29.54 -1.49 -17.96
C VAL A 280 -28.44 -2.45 -18.35
N TYR A 281 -27.20 -1.99 -18.32
CA TYR A 281 -26.08 -2.86 -18.58
C TYR A 281 -25.20 -2.84 -17.37
N SER A 282 -24.70 -4.00 -16.98
CA SER A 282 -23.73 -4.08 -15.88
C SER A 282 -22.53 -4.90 -16.32
N TRP A 283 -21.38 -4.54 -15.79
CA TRP A 283 -20.14 -5.27 -16.07
C TRP A 283 -19.12 -4.96 -14.97
N GLY A 284 -18.06 -5.77 -14.92
CA GLY A 284 -17.07 -5.70 -13.84
C GLY A 284 -17.03 -6.96 -12.97
N LYS A 285 -16.71 -6.78 -11.69
CA LYS A 285 -16.51 -7.91 -10.78
C LYS A 285 -17.83 -8.61 -10.46
N GLY A 286 -17.79 -9.94 -10.40
CA GLY A 286 -18.97 -10.76 -10.33
C GLY A 286 -19.30 -11.31 -8.96
N ASP A 287 -18.39 -11.15 -8.00
CA ASP A 287 -18.56 -11.78 -6.70
C ASP A 287 -19.83 -11.29 -6.01
N ASN A 288 -20.45 -12.20 -5.27
CA ASN A 288 -21.59 -11.87 -4.46
C ASN A 288 -22.80 -11.44 -5.31
N GLN A 289 -22.80 -11.83 -6.59
CA GLN A 289 -23.91 -11.59 -7.51
C GLN A 289 -24.17 -10.11 -7.78
N ARG A 290 -23.18 -9.26 -7.57
CA ARG A 290 -23.38 -7.83 -7.68
C ARG A 290 -23.79 -7.35 -9.07
N LEU A 291 -23.48 -8.11 -10.09
CA LEU A 291 -23.85 -7.72 -11.48
C LEU A 291 -25.31 -8.04 -11.88
N GLY A 292 -25.95 -8.98 -11.20
CA GLY A 292 -27.35 -9.34 -11.46
C GLY A 292 -27.64 -10.27 -12.62
N HIS A 293 -26.63 -10.86 -13.23
CA HIS A 293 -26.84 -11.73 -14.39
C HIS A 293 -27.07 -13.18 -14.02
N GLY A 294 -26.95 -13.51 -12.73
CA GLY A 294 -27.31 -14.85 -12.25
C GLY A 294 -26.14 -15.79 -11.92
N THR A 295 -24.93 -15.38 -12.25
CA THR A 295 -23.70 -16.11 -11.83
C THR A 295 -22.70 -15.10 -11.33
N GLU A 296 -21.57 -15.58 -10.80
CA GLU A 296 -20.55 -14.70 -10.18
C GLU A 296 -19.29 -14.53 -11.07
N GLU A 297 -19.37 -14.97 -12.32
CA GLU A 297 -18.30 -14.72 -13.28
C GLU A 297 -18.12 -13.19 -13.45
N HIS A 298 -16.87 -12.75 -13.49
CA HIS A 298 -16.56 -11.38 -13.88
C HIS A 298 -17.01 -11.23 -15.32
N VAL A 299 -17.46 -10.04 -15.68
CA VAL A 299 -17.95 -9.76 -17.01
C VAL A 299 -17.17 -8.56 -17.50
N ARG A 300 -16.45 -8.74 -18.61
CA ARG A 300 -15.45 -7.76 -19.01
C ARG A 300 -15.87 -6.83 -20.15
N TYR A 301 -17.10 -7.03 -20.65
CA TYR A 301 -17.75 -6.07 -21.53
C TYR A 301 -19.17 -5.84 -21.05
N PRO A 302 -19.71 -4.64 -21.25
CA PRO A 302 -21.09 -4.34 -20.85
C PRO A 302 -22.06 -5.40 -21.31
N LYS A 303 -22.89 -5.87 -20.41
CA LYS A 303 -23.82 -6.95 -20.71
C LYS A 303 -25.23 -6.53 -20.28
N LEU A 304 -26.20 -6.72 -21.18
CA LEU A 304 -27.56 -6.37 -20.89
C LEU A 304 -28.08 -7.18 -19.71
N LEU A 305 -28.72 -6.50 -18.77
CA LEU A 305 -29.29 -7.14 -17.58
C LEU A 305 -30.68 -7.69 -17.90
N GLU A 306 -30.74 -8.97 -18.27
CA GLU A 306 -31.96 -9.57 -18.85
C GLU A 306 -33.13 -9.55 -17.87
N GLY A 307 -32.86 -9.70 -16.58
CA GLY A 307 -33.93 -9.71 -15.58
C GLY A 307 -34.83 -8.46 -15.53
N LEU A 308 -34.37 -7.36 -16.15
CA LEU A 308 -35.14 -6.12 -16.21
C LEU A 308 -35.70 -5.79 -17.61
N GLN A 309 -35.36 -6.57 -18.63
CA GLN A 309 -36.02 -6.42 -19.93
C GLN A 309 -37.52 -6.51 -19.73
N GLY A 310 -38.27 -5.71 -20.47
CA GLY A 310 -39.72 -5.59 -20.25
C GLY A 310 -40.06 -4.42 -19.36
N LYS A 311 -39.16 -4.07 -18.44
CA LYS A 311 -39.39 -2.92 -17.59
C LYS A 311 -38.60 -1.75 -18.12
N LYS A 312 -39.17 -0.56 -17.98
CA LYS A 312 -38.50 0.66 -18.37
C LYS A 312 -37.89 1.32 -17.13
N VAL A 313 -36.59 1.16 -16.95
CA VAL A 313 -35.91 1.63 -15.75
C VAL A 313 -35.58 3.11 -15.90
N ILE A 314 -35.90 3.89 -14.86
CA ILE A 314 -35.64 5.34 -14.89
C ILE A 314 -34.53 5.77 -13.94
N ASP A 315 -34.15 4.93 -13.00
CA ASP A 315 -32.96 5.17 -12.20
C ASP A 315 -32.41 3.88 -11.60
N VAL A 316 -31.11 3.86 -11.37
CA VAL A 316 -30.43 2.77 -10.72
C VAL A 316 -29.56 3.36 -9.64
N ALA A 317 -29.52 2.71 -8.48
CA ALA A 317 -28.68 3.15 -7.37
C ALA A 317 -27.80 1.97 -6.98
N ALA A 318 -26.50 2.17 -7.05
CA ALA A 318 -25.53 1.12 -6.80
C ALA A 318 -24.89 1.37 -5.46
N GLY A 319 -25.09 0.45 -4.52
CA GLY A 319 -24.38 0.45 -3.24
C GLY A 319 -23.03 -0.19 -3.49
N SER A 320 -22.36 -0.65 -2.45
CA SER A 320 -21.06 -1.31 -2.64
C SER A 320 -21.19 -2.60 -3.43
N THR A 321 -22.03 -3.51 -2.95
CA THR A 321 -22.22 -4.80 -3.60
C THR A 321 -23.71 -5.17 -3.84
N HIS A 322 -24.59 -4.17 -3.84
CA HIS A 322 -26.01 -4.39 -4.17
C HIS A 322 -26.57 -3.17 -4.88
N CYS A 323 -27.70 -3.34 -5.57
CA CYS A 323 -28.29 -2.26 -6.36
C CYS A 323 -29.78 -2.24 -6.23
N LEU A 324 -30.34 -1.07 -6.48
CA LEU A 324 -31.77 -0.87 -6.67
C LEU A 324 -32.00 -0.28 -8.05
N ALA A 325 -33.14 -0.61 -8.64
CA ALA A 325 -33.60 0.01 -9.87
C ALA A 325 -35.06 0.43 -9.76
N LEU A 326 -35.34 1.67 -10.12
CA LEU A 326 -36.70 2.19 -10.12
C LEU A 326 -37.24 2.22 -11.55
N THR A 327 -38.45 1.73 -11.74
CA THR A 327 -39.07 1.72 -13.06
C THR A 327 -40.06 2.87 -13.24
N GLU A 328 -40.32 3.19 -14.50
CA GLU A 328 -41.32 4.20 -14.92
C GLU A 328 -42.66 4.03 -14.21
N ASP A 329 -43.11 2.77 -14.08
CA ASP A 329 -44.36 2.43 -13.40
C ASP A 329 -44.16 2.18 -11.89
N SER A 330 -43.07 2.71 -11.33
CA SER A 330 -42.90 2.82 -9.88
C SER A 330 -42.56 1.50 -9.12
N GLU A 331 -42.14 0.46 -9.82
CA GLU A 331 -41.67 -0.76 -9.16
C GLU A 331 -40.22 -0.55 -8.74
N VAL A 332 -39.83 -1.15 -7.63
CA VAL A 332 -38.45 -1.08 -7.15
C VAL A 332 -37.84 -2.48 -7.13
N HIS A 333 -36.87 -2.72 -8.01
CA HIS A 333 -36.18 -4.03 -8.14
C HIS A 333 -34.84 -3.97 -7.44
N SER A 334 -34.37 -5.09 -6.94
CA SER A 334 -33.03 -5.14 -6.35
C SER A 334 -32.34 -6.46 -6.69
N TRP A 335 -31.03 -6.47 -6.53
CA TRP A 335 -30.22 -7.69 -6.69
C TRP A 335 -28.86 -7.49 -6.03
N GLY A 336 -28.14 -8.60 -5.88
CA GLY A 336 -26.77 -8.54 -5.40
C GLY A 336 -26.60 -9.14 -4.02
N SER A 337 -25.62 -8.59 -3.29
CA SER A 337 -25.22 -9.19 -2.03
C SER A 337 -26.31 -9.01 -0.99
N ASN A 338 -26.43 -9.99 -0.09
CA ASN A 338 -27.38 -9.93 1.00
C ASN A 338 -26.75 -10.36 2.33
N ASP A 339 -25.47 -10.06 2.49
CA ASP A 339 -24.74 -10.38 3.75
C ASP A 339 -25.26 -9.63 4.98
N GLN A 340 -25.86 -8.45 4.75
CA GLN A 340 -26.41 -7.58 5.79
C GLN A 340 -27.88 -7.23 5.57
N CYS A 341 -28.65 -8.17 5.01
CA CYS A 341 -30.07 -7.96 4.78
C CYS A 341 -30.41 -6.75 3.92
N GLN A 342 -29.58 -6.46 2.91
CA GLN A 342 -29.86 -5.38 1.96
C GLN A 342 -31.13 -5.64 1.17
N HIS A 343 -31.60 -6.89 1.20
CA HIS A 343 -32.80 -7.30 0.51
C HIS A 343 -33.73 -7.97 1.49
N PHE A 344 -34.82 -7.30 1.82
CA PHE A 344 -35.73 -7.81 2.84
C PHE A 344 -36.65 -8.90 2.30
N ASP A 345 -36.56 -9.23 1.02
CA ASP A 345 -37.44 -10.25 0.43
C ASP A 345 -36.78 -11.61 0.28
N THR A 346 -35.53 -11.76 0.71
CA THR A 346 -34.82 -13.03 0.58
C THR A 346 -34.04 -13.38 1.84
N LEU A 347 -34.07 -14.66 2.20
CA LEU A 347 -33.35 -15.17 3.38
C LEU A 347 -31.88 -15.52 3.01
N ARG A 348 -31.64 -15.95 1.77
CA ARG A 348 -30.31 -16.38 1.34
C ARG A 348 -29.31 -15.21 1.32
N VAL A 349 -28.02 -15.55 1.29
CA VAL A 349 -26.92 -14.55 1.39
C VAL A 349 -26.68 -13.73 0.12
N THR A 350 -27.29 -14.14 -0.99
CA THR A 350 -27.35 -13.31 -2.20
C THR A 350 -28.73 -13.35 -2.85
N LYS A 351 -28.98 -12.36 -3.70
CA LYS A 351 -30.17 -12.29 -4.55
C LYS A 351 -29.64 -12.22 -5.98
N PRO A 352 -29.46 -13.39 -6.62
CA PRO A 352 -28.77 -13.50 -7.91
C PRO A 352 -29.32 -12.63 -9.02
N GLU A 353 -30.63 -12.62 -9.18
CA GLU A 353 -31.25 -11.90 -10.27
C GLU A 353 -32.19 -10.82 -9.76
N PRO A 354 -32.40 -9.77 -10.57
CA PRO A 354 -33.33 -8.70 -10.20
C PRO A 354 -34.76 -9.20 -10.07
N ALA A 355 -35.47 -8.63 -9.10
CA ALA A 355 -36.87 -8.96 -8.89
C ALA A 355 -37.49 -7.86 -8.07
N ALA A 356 -38.76 -7.57 -8.33
CA ALA A 356 -39.48 -6.50 -7.65
C ALA A 356 -39.52 -6.80 -6.18
N LEU A 357 -39.28 -5.78 -5.37
CA LEU A 357 -39.49 -5.88 -3.95
C LEU A 357 -40.98 -5.68 -3.70
N PRO A 358 -41.57 -6.51 -2.83
CA PRO A 358 -42.99 -6.42 -2.56
C PRO A 358 -43.29 -5.32 -1.58
N GLY A 359 -44.55 -4.89 -1.55
CA GLY A 359 -44.99 -3.79 -0.71
C GLY A 359 -44.87 -2.40 -1.33
N LEU A 360 -43.95 -2.22 -2.28
CA LEU A 360 -43.53 -0.90 -2.77
C LEU A 360 -44.22 -0.38 -4.04
N ASP A 361 -44.83 -1.28 -4.80
CA ASP A 361 -45.52 -0.95 -6.06
C ASP A 361 -46.60 0.14 -5.87
N THR A 362 -47.21 0.18 -4.69
CA THR A 362 -48.36 1.05 -4.44
C THR A 362 -48.07 2.42 -3.78
N LYS A 363 -46.79 2.75 -3.62
CA LYS A 363 -46.35 3.94 -2.84
C LYS A 363 -45.85 5.11 -3.68
N HIS A 364 -45.89 4.97 -5.00
CA HIS A 364 -45.43 6.01 -5.92
C HIS A 364 -44.03 6.47 -5.52
N ILE A 365 -43.09 5.53 -5.51
CA ILE A 365 -41.71 5.85 -5.21
C ILE A 365 -41.13 6.67 -6.37
N VAL A 366 -40.36 7.70 -6.03
CA VAL A 366 -39.70 8.54 -7.02
C VAL A 366 -38.20 8.59 -6.83
N GLY A 367 -37.70 8.15 -5.68
CA GLY A 367 -36.26 8.18 -5.44
C GLY A 367 -35.75 6.94 -4.75
N ILE A 368 -34.52 6.57 -5.07
CA ILE A 368 -33.86 5.44 -4.41
C ILE A 368 -32.43 5.79 -4.11
N ALA A 369 -31.84 5.11 -3.14
CA ALA A 369 -30.42 5.35 -2.79
C ALA A 369 -29.87 4.16 -2.04
N CYS A 370 -28.56 3.88 -2.21
CA CYS A 370 -27.90 2.76 -1.50
C CYS A 370 -26.64 3.16 -0.75
N GLY A 371 -26.51 2.70 0.48
CA GLY A 371 -25.26 2.76 1.22
C GLY A 371 -24.51 1.44 1.04
N PRO A 372 -23.49 1.22 1.84
CA PRO A 372 -22.76 -0.05 1.75
C PRO A 372 -23.57 -1.27 2.23
N ALA A 373 -24.47 -1.09 3.19
CA ALA A 373 -25.31 -2.20 3.67
C ALA A 373 -26.76 -1.75 3.87
N GLN A 374 -27.16 -0.71 3.12
CA GLN A 374 -28.41 0.00 3.35
C GLN A 374 -29.07 0.37 2.04
N SER A 375 -30.40 0.49 2.08
CA SER A 375 -31.17 0.90 0.92
C SER A 375 -32.30 1.77 1.37
N PHE A 376 -32.58 2.81 0.60
CA PHE A 376 -33.68 3.73 0.88
C PHE A 376 -34.51 3.97 -0.35
N ALA A 377 -35.80 4.23 -0.15
CA ALA A 377 -36.70 4.58 -1.23
C ALA A 377 -37.70 5.58 -0.68
N TRP A 378 -37.99 6.64 -1.45
CA TRP A 378 -38.98 7.61 -1.02
C TRP A 378 -40.00 8.01 -2.10
N SER A 379 -41.19 8.31 -1.64
CA SER A 379 -42.22 8.91 -2.46
C SER A 379 -41.96 10.42 -2.51
N SER A 380 -42.80 11.16 -3.22
CA SER A 380 -42.58 12.59 -3.39
C SER A 380 -43.01 13.37 -2.15
N CYS A 381 -42.29 14.45 -1.86
CA CYS A 381 -42.63 15.35 -0.74
C CYS A 381 -43.47 16.57 -1.04
N SER A 382 -43.92 16.75 -2.28
CA SER A 382 -44.88 17.80 -2.55
C SER A 382 -46.12 17.53 -1.62
N GLU A 383 -46.52 18.50 -0.77
CA GLU A 383 -47.72 18.34 0.09
C GLU A 383 -48.97 18.18 -0.78
N TRP A 384 -48.84 18.47 -2.07
CA TRP A 384 -49.88 18.20 -3.04
C TRP A 384 -49.99 16.70 -3.38
N SER A 385 -48.86 16.04 -3.69
CA SER A 385 -48.85 14.57 -3.88
C SER A 385 -49.54 13.85 -2.70
N ILE A 386 -49.19 14.26 -1.48
CA ILE A 386 -49.85 13.83 -0.21
C ILE A 386 -51.25 14.46 -0.09
N LEU B 24 6.27 -43.59 22.35
N LEU B 24 8.38 -44.92 21.72
CA LEU B 24 7.49 -43.90 21.54
CA LEU B 24 7.49 -43.72 21.82
C LEU B 24 8.04 -42.62 20.89
C LEU B 24 8.05 -42.57 20.98
N GLN B 25 7.20 -41.64 20.61
CA GLN B 25 7.60 -40.52 19.76
C GLN B 25 8.38 -39.40 20.43
N GLU B 26 9.38 -38.91 19.71
CA GLU B 26 10.06 -37.70 20.11
C GLU B 26 9.64 -36.55 19.22
N VAL B 27 9.34 -35.43 19.86
CA VAL B 27 9.06 -34.18 19.18
C VAL B 27 9.93 -33.09 19.77
N ILE B 28 10.88 -32.60 18.98
CA ILE B 28 11.86 -31.62 19.42
C ILE B 28 11.55 -30.27 18.79
N GLY B 29 11.66 -29.21 19.58
CA GLY B 29 11.53 -27.86 19.09
C GLY B 29 12.60 -26.95 19.61
N TRP B 30 12.91 -25.89 18.86
CA TRP B 30 13.84 -24.87 19.32
C TRP B 30 13.59 -23.58 18.57
N GLY B 31 14.13 -22.49 19.12
CA GLY B 31 13.88 -21.15 18.58
C GLY B 31 13.09 -20.29 19.57
N LEU B 32 12.30 -19.36 19.06
CA LEU B 32 11.58 -18.40 19.91
C LEU B 32 10.29 -19.03 20.40
N ILE B 33 10.37 -19.63 21.56
CA ILE B 33 9.29 -20.41 22.14
C ILE B 33 9.03 -19.89 23.55
N GLY B 34 7.78 -19.53 23.83
CA GLY B 34 7.42 -18.82 25.06
C GLY B 34 6.89 -19.64 26.21
N TRP B 35 6.78 -20.96 26.07
CA TRP B 35 6.08 -21.71 27.14
C TRP B 35 6.80 -21.86 28.46
N LYS B 36 6.01 -21.80 29.52
CA LYS B 36 6.50 -21.92 30.86
C LYS B 36 7.15 -23.28 30.96
N TYR B 37 8.28 -23.35 31.68
CA TYR B 37 9.08 -24.57 31.84
C TYR B 37 9.88 -24.92 30.57
N TYR B 38 9.61 -24.22 29.45
CA TYR B 38 10.32 -24.42 28.18
C TYR B 38 11.05 -23.14 27.68
N ALA B 39 10.56 -21.97 28.07
CA ALA B 39 11.05 -20.68 27.56
C ALA B 39 12.45 -20.35 28.06
N ASN B 40 12.72 -20.71 29.32
CA ASN B 40 13.99 -20.40 29.99
C ASN B 40 15.18 -21.29 29.51
N VAL B 41 15.05 -21.95 28.33
CA VAL B 41 16.05 -22.91 27.82
C VAL B 41 16.58 -22.51 26.45
N ILE B 42 17.89 -22.28 26.34
CA ILE B 42 18.56 -22.23 25.01
C ILE B 42 18.97 -23.68 24.73
N GLY B 43 18.77 -24.11 23.50
CA GLY B 43 18.98 -25.50 23.12
C GLY B 43 17.67 -26.11 22.65
N PRO B 44 17.76 -27.31 22.06
CA PRO B 44 16.59 -28.05 21.61
C PRO B 44 15.79 -28.59 22.79
N ILE B 45 14.46 -28.55 22.69
CA ILE B 45 13.60 -28.93 23.80
C ILE B 45 12.66 -30.04 23.39
N GLN B 46 12.49 -30.99 24.30
CA GLN B 46 11.63 -32.14 24.09
C GLN B 46 10.21 -31.68 24.43
N CYS B 47 9.29 -31.78 23.48
CA CYS B 47 7.91 -31.33 23.71
C CYS B 47 6.96 -32.48 24.04
N GLU B 48 6.96 -32.98 25.27
CA GLU B 48 6.16 -34.21 25.57
C GLU B 48 4.67 -33.99 25.40
N GLY B 49 4.24 -32.74 25.62
CA GLY B 49 2.86 -32.38 25.35
C GLY B 49 2.42 -32.74 23.94
N LEU B 50 3.30 -32.52 22.95
CA LEU B 50 3.01 -32.83 21.54
C LEU B 50 3.09 -34.32 21.24
N ALA B 51 4.00 -35.02 21.90
CA ALA B 51 4.22 -36.44 21.63
C ALA B 51 2.99 -37.27 21.97
N ASN B 52 2.27 -36.89 23.02
CA ASN B 52 1.02 -37.56 23.38
C ASN B 52 0.02 -37.63 22.22
N LEU B 53 0.00 -36.59 21.40
CA LEU B 53 -0.92 -36.52 20.30
C LEU B 53 -0.62 -37.55 19.23
N GLY B 54 0.63 -37.95 19.09
CA GLY B 54 1.03 -38.76 17.95
C GLY B 54 1.08 -37.87 16.71
N VAL B 55 2.17 -37.14 16.56
CA VAL B 55 2.30 -36.16 15.49
C VAL B 55 2.62 -36.82 14.16
N THR B 56 1.88 -36.45 13.11
CA THR B 56 2.16 -36.90 11.73
C THR B 56 2.56 -35.72 10.86
N GLN B 57 2.10 -34.53 11.22
CA GLN B 57 2.67 -33.32 10.65
C GLN B 57 2.37 -32.06 11.45
N ILE B 58 3.12 -31.02 11.12
CA ILE B 58 3.01 -29.73 11.74
C ILE B 58 3.06 -28.65 10.69
N ALA B 59 2.09 -27.74 10.72
CA ALA B 59 2.04 -26.60 9.80
C ALA B 59 2.22 -25.31 10.59
N CYS B 60 3.31 -24.61 10.30
CA CYS B 60 3.69 -23.44 11.08
C CYS B 60 3.17 -22.17 10.47
N ALA B 61 2.38 -21.42 11.25
CA ALA B 61 1.91 -20.09 10.82
C ALA B 61 2.76 -19.06 11.50
N GLU B 62 2.35 -17.79 11.47
CA GLU B 62 3.17 -16.72 12.03
C GLU B 62 3.19 -16.63 13.55
N LYS B 63 2.02 -16.72 14.19
CA LYS B 63 1.97 -16.68 15.66
C LYS B 63 1.69 -18.06 16.30
N ARG B 64 1.34 -19.04 15.49
CA ARG B 64 0.94 -20.34 16.02
C ARG B 64 1.21 -21.44 15.03
N PHE B 65 1.07 -22.67 15.49
CA PHE B 65 1.18 -23.82 14.61
C PHE B 65 0.07 -24.83 14.83
N LEU B 66 -0.22 -25.57 13.76
CA LEU B 66 -1.20 -26.63 13.76
C LEU B 66 -0.47 -27.94 13.85
N ILE B 67 -1.06 -28.89 14.56
CA ILE B 67 -0.54 -30.22 14.66
C ILE B 67 -1.62 -31.19 14.20
N LEU B 68 -1.28 -32.10 13.30
CA LEU B 68 -2.16 -33.17 12.90
C LEU B 68 -1.78 -34.44 13.66
N SER B 69 -2.78 -35.11 14.27
CA SER B 69 -2.55 -36.34 15.04
CA SER B 69 -2.55 -36.35 15.04
C SER B 69 -2.80 -37.60 14.22
N ARG B 70 -2.20 -38.71 14.66
CA ARG B 70 -2.40 -40.04 14.07
C ARG B 70 -3.87 -40.30 13.80
N ASN B 71 -4.71 -39.91 14.75
CA ASN B 71 -6.15 -40.19 14.71
C ASN B 71 -6.95 -39.21 13.84
N GLY B 72 -6.28 -38.30 13.17
CA GLY B 72 -6.95 -37.40 12.23
C GLY B 72 -7.61 -36.20 12.88
N ARG B 73 -7.16 -35.84 14.06
CA ARG B 73 -7.57 -34.60 14.68
C ARG B 73 -6.49 -33.54 14.55
N VAL B 74 -6.91 -32.29 14.63
CA VAL B 74 -6.06 -31.12 14.46
C VAL B 74 -6.02 -30.26 15.74
N TYR B 75 -4.81 -29.91 16.18
CA TYR B 75 -4.65 -29.12 17.38
C TYR B 75 -3.92 -27.85 17.04
N THR B 76 -4.11 -26.84 17.87
CA THR B 76 -3.42 -25.56 17.63
C THR B 76 -2.69 -25.13 18.90
N GLN B 77 -1.52 -24.51 18.71
CA GLN B 77 -0.72 -24.00 19.81
C GLN B 77 -0.03 -22.69 19.38
N ALA B 78 -0.02 -21.67 20.26
CA ALA B 78 0.73 -20.44 19.99
C ALA B 78 2.20 -20.59 20.38
N TYR B 79 3.09 -19.98 19.61
CA TYR B 79 4.53 -20.02 19.92
C TYR B 79 4.83 -19.33 21.23
N ASN B 80 4.12 -18.24 21.49
CA ASN B 80 4.45 -17.36 22.62
C ASN B 80 3.45 -17.41 23.75
N SER B 81 2.61 -18.45 23.79
CA SER B 81 1.72 -18.60 24.91
C SER B 81 2.54 -19.11 26.10
N ASP B 82 1.98 -18.91 27.27
CA ASP B 82 2.69 -19.16 28.52
C ASP B 82 2.77 -20.66 28.86
N THR B 83 1.86 -21.46 28.30
CA THR B 83 1.73 -22.88 28.60
C THR B 83 1.74 -23.66 27.31
N LEU B 84 2.44 -24.81 27.27
CA LEU B 84 2.31 -25.78 26.16
C LEU B 84 1.10 -26.67 26.42
N ALA B 85 0.09 -26.61 25.56
CA ALA B 85 -1.17 -27.28 25.79
C ALA B 85 -2.02 -27.15 24.52
N PRO B 86 -1.76 -28.02 23.55
CA PRO B 86 -2.44 -27.84 22.29
C PRO B 86 -3.94 -28.07 22.38
N GLN B 87 -4.68 -27.19 21.75
CA GLN B 87 -6.11 -27.17 21.86
C GLN B 87 -6.71 -27.72 20.59
N LEU B 88 -7.78 -28.46 20.76
CA LEU B 88 -8.45 -29.14 19.69
C LEU B 88 -9.08 -28.07 18.85
N VAL B 89 -8.87 -28.14 17.54
CA VAL B 89 -9.57 -27.25 16.63
C VAL B 89 -10.98 -27.79 16.45
N GLN B 90 -11.97 -27.05 16.93
CA GLN B 90 -13.38 -27.46 16.84
C GLN B 90 -13.92 -27.28 15.42
N GLY B 91 -14.87 -28.12 15.03
CA GLY B 91 -15.47 -28.02 13.70
C GLY B 91 -14.93 -29.04 12.71
N LEU B 92 -13.91 -29.79 13.12
CA LEU B 92 -13.36 -30.86 12.28
C LEU B 92 -13.68 -32.27 12.80
N ALA B 93 -14.26 -32.36 14.00
CA ALA B 93 -14.56 -33.65 14.63
C ALA B 93 -15.30 -34.60 13.68
N SER B 94 -16.19 -34.05 12.87
CA SER B 94 -16.92 -34.85 11.88
C SER B 94 -16.00 -35.72 11.00
N ARG B 95 -14.84 -35.19 10.61
CA ARG B 95 -14.03 -35.80 9.55
C ARG B 95 -12.61 -36.29 9.99
N ASN B 96 -12.01 -37.11 9.13
CA ASN B 96 -10.67 -37.63 9.34
C ASN B 96 -9.65 -36.83 8.49
N ILE B 97 -8.92 -35.93 9.15
CA ILE B 97 -8.02 -35.02 8.45
C ILE B 97 -6.71 -35.74 8.13
N VAL B 98 -6.25 -35.59 6.88
CA VAL B 98 -5.02 -36.21 6.43
C VAL B 98 -3.94 -35.22 6.01
N LYS B 99 -4.31 -33.95 5.84
CA LYS B 99 -3.31 -32.92 5.58
C LYS B 99 -3.73 -31.59 6.20
N ILE B 100 -2.72 -30.81 6.57
CA ILE B 100 -2.91 -29.45 7.02
C ILE B 100 -1.91 -28.53 6.31
N ALA B 101 -2.22 -27.25 6.27
CA ALA B 101 -1.30 -26.30 5.66
C ALA B 101 -1.47 -24.94 6.29
N ALA B 102 -0.38 -24.18 6.20
CA ALA B 102 -0.32 -22.81 6.68
C ALA B 102 1.04 -22.32 6.24
N HIS B 103 1.28 -21.04 6.34
CA HIS B 103 2.52 -20.44 5.85
C HIS B 103 3.17 -19.71 6.98
N SER B 104 4.50 -19.71 7.05
CA SER B 104 5.17 -19.19 8.23
C SER B 104 5.05 -17.65 8.45
N ASP B 105 4.64 -16.92 7.42
CA ASP B 105 4.33 -15.48 7.53
C ASP B 105 2.82 -15.24 7.42
N GLY B 106 2.02 -16.29 7.66
CA GLY B 106 0.57 -16.25 7.43
C GLY B 106 -0.33 -16.39 8.64
N HIS B 107 -1.62 -16.16 8.45
CA HIS B 107 -2.66 -16.13 9.48
C HIS B 107 -3.93 -16.84 9.00
N HIS B 108 -3.77 -17.82 8.14
CA HIS B 108 -4.91 -18.65 7.75
C HIS B 108 -4.44 -20.07 7.53
N TYR B 109 -5.39 -20.99 7.57
CA TYR B 109 -5.10 -22.40 7.65
C TYR B 109 -5.99 -23.13 6.68
N LEU B 110 -5.47 -24.22 6.13
CA LEU B 110 -6.26 -25.20 5.38
C LEU B 110 -6.14 -26.59 5.99
N ALA B 111 -7.19 -27.38 5.86
CA ALA B 111 -7.18 -28.76 6.27
C ALA B 111 -7.91 -29.61 5.25
N LEU B 112 -7.39 -30.81 5.02
CA LEU B 112 -7.89 -31.71 3.98
C LEU B 112 -8.33 -33.01 4.58
N ALA B 113 -9.55 -33.40 4.30
CA ALA B 113 -10.12 -34.66 4.79
C ALA B 113 -9.83 -35.83 3.85
N ALA B 114 -9.83 -37.03 4.42
CA ALA B 114 -9.64 -38.26 3.64
C ALA B 114 -10.67 -38.35 2.51
N THR B 115 -11.90 -37.94 2.80
CA THR B 115 -12.99 -37.95 1.82
C THR B 115 -12.88 -36.84 0.75
N GLY B 116 -11.90 -35.93 0.85
CA GLY B 116 -11.73 -34.91 -0.19
C GLY B 116 -12.17 -33.48 0.13
N GLU B 117 -12.94 -33.29 1.20
CA GLU B 117 -13.37 -31.93 1.61
C GLU B 117 -12.21 -31.08 2.13
N VAL B 118 -12.19 -29.82 1.72
CA VAL B 118 -11.19 -28.84 2.17
C VAL B 118 -11.85 -27.84 3.10
N TYR B 119 -11.18 -27.55 4.22
CA TYR B 119 -11.66 -26.60 5.19
C TYR B 119 -10.70 -25.43 5.25
N SER B 120 -11.22 -24.24 5.53
CA SER B 120 -10.36 -23.08 5.71
C SER B 120 -10.82 -22.26 6.87
N TRP B 121 -9.88 -21.59 7.54
CA TRP B 121 -10.23 -20.60 8.53
C TRP B 121 -9.09 -19.62 8.81
N GLY B 122 -9.39 -18.62 9.62
CA GLY B 122 -8.48 -17.54 9.91
C GLY B 122 -8.87 -16.27 9.19
N CYS B 123 -7.87 -15.50 8.79
CA CYS B 123 -8.05 -14.21 8.12
C CYS B 123 -8.69 -14.39 6.74
N GLY B 124 -9.61 -13.49 6.41
CA GLY B 124 -10.41 -13.58 5.20
C GLY B 124 -10.01 -12.61 4.10
N ASP B 125 -9.07 -11.70 4.40
CA ASP B 125 -8.76 -10.59 3.49
C ASP B 125 -8.32 -11.10 2.11
N GLY B 126 -8.82 -10.46 1.06
CA GLY B 126 -8.46 -10.82 -0.30
C GLY B 126 -9.04 -12.13 -0.82
N GLY B 127 -9.83 -12.81 0.02
CA GLY B 127 -10.56 -13.99 -0.41
C GLY B 127 -9.78 -15.27 -0.25
N ARG B 128 -8.73 -15.21 0.54
CA ARG B 128 -7.85 -16.38 0.75
C ARG B 128 -8.55 -17.63 1.33
N LEU B 129 -9.70 -17.49 1.99
CA LEU B 129 -10.38 -18.64 2.55
C LEU B 129 -11.22 -19.42 1.51
N GLY B 130 -11.51 -18.80 0.37
CA GLY B 130 -12.13 -19.51 -0.76
C GLY B 130 -13.64 -19.66 -0.72
N HIS B 131 -14.32 -18.91 0.15
CA HIS B 131 -15.77 -19.00 0.25
C HIS B 131 -16.53 -17.94 -0.53
N GLY B 132 -15.85 -17.19 -1.39
CA GLY B 132 -16.51 -16.16 -2.20
C GLY B 132 -16.83 -14.88 -1.48
N ASP B 133 -16.17 -14.63 -0.36
CA ASP B 133 -16.28 -13.35 0.33
C ASP B 133 -14.93 -13.10 1.03
N THR B 134 -14.84 -12.06 1.86
CA THR B 134 -13.59 -11.74 2.54
C THR B 134 -13.77 -11.73 4.06
N VAL B 135 -14.72 -12.52 4.55
CA VAL B 135 -15.04 -12.61 5.97
C VAL B 135 -14.04 -13.54 6.65
N PRO B 136 -13.45 -13.08 7.77
CA PRO B 136 -12.56 -13.96 8.54
C PRO B 136 -13.38 -14.97 9.37
N LEU B 137 -12.79 -16.14 9.66
CA LEU B 137 -13.51 -17.22 10.33
C LEU B 137 -12.73 -17.73 11.52
N GLU B 138 -13.37 -17.75 12.69
CA GLU B 138 -12.75 -18.32 13.87
C GLU B 138 -12.62 -19.83 13.74
N GLU B 139 -13.56 -20.46 13.04
CA GLU B 139 -13.57 -21.92 12.93
C GLU B 139 -13.64 -22.42 11.51
N PRO B 140 -13.03 -23.59 11.25
CA PRO B 140 -13.02 -24.22 9.95
C PRO B 140 -14.39 -24.27 9.27
N LYS B 141 -14.38 -23.97 7.99
CA LYS B 141 -15.54 -24.03 7.15
C LYS B 141 -15.18 -24.72 5.84
N VAL B 142 -16.10 -25.58 5.38
CA VAL B 142 -15.88 -26.32 4.15
C VAL B 142 -15.84 -25.34 3.01
N ILE B 143 -14.87 -25.49 2.12
CA ILE B 143 -14.88 -24.75 0.88
C ILE B 143 -15.75 -25.53 -0.09
N SER B 144 -16.99 -25.09 -0.25
CA SER B 144 -17.95 -25.83 -1.06
C SER B 144 -17.53 -25.94 -2.54
N ALA B 145 -16.73 -25.02 -3.04
CA ALA B 145 -16.19 -25.17 -4.39
C ALA B 145 -15.52 -26.54 -4.64
N PHE B 146 -14.97 -27.19 -3.62
CA PHE B 146 -14.34 -28.51 -3.80
C PHE B 146 -15.23 -29.68 -3.41
N SER B 147 -16.39 -29.42 -2.82
CA SER B 147 -17.31 -30.51 -2.39
C SER B 147 -18.09 -31.09 -3.57
N GLY B 148 -18.56 -32.33 -3.40
CA GLY B 148 -19.30 -33.08 -4.43
C GLY B 148 -18.59 -33.35 -5.76
N LYS B 149 -17.25 -33.30 -5.79
CA LYS B 149 -16.53 -33.34 -7.09
C LYS B 149 -16.61 -34.64 -7.91
N ALA B 151 -14.18 -38.23 -8.30
CA ALA B 151 -12.98 -39.07 -8.35
C ALA B 151 -11.67 -38.27 -8.55
N GLY B 152 -11.22 -38.14 -9.80
CA GLY B 152 -9.99 -37.40 -10.11
C GLY B 152 -10.06 -35.88 -9.87
N LYS B 153 -11.28 -35.37 -9.65
CA LYS B 153 -11.45 -33.96 -9.28
C LYS B 153 -11.32 -33.76 -7.74
N HIS B 154 -10.94 -34.82 -6.99
CA HIS B 154 -10.74 -34.72 -5.53
C HIS B 154 -9.39 -34.04 -5.28
N VAL B 155 -9.37 -33.15 -4.29
CA VAL B 155 -8.14 -32.48 -3.88
C VAL B 155 -7.24 -33.46 -3.15
N VAL B 156 -5.95 -33.45 -3.47
CA VAL B 156 -4.97 -34.31 -2.76
C VAL B 156 -3.80 -33.56 -2.14
N HIS B 157 -3.57 -32.31 -2.49
CA HIS B 157 -2.54 -31.48 -1.84
CA HIS B 157 -2.56 -31.48 -1.81
C HIS B 157 -3.12 -30.08 -1.52
N ILE B 158 -2.61 -29.46 -0.45
CA ILE B 158 -3.01 -28.10 -0.10
C ILE B 158 -1.78 -27.27 0.26
N ALA B 159 -1.87 -25.96 0.03
CA ALA B 159 -0.74 -25.09 0.35
C ALA B 159 -1.24 -23.69 0.65
N CYS B 160 -0.49 -22.96 1.47
CA CYS B 160 -0.80 -21.57 1.78
C CYS B 160 0.36 -20.65 1.48
N GLY B 161 0.03 -19.44 1.04
CA GLY B 161 0.97 -18.34 1.02
C GLY B 161 0.67 -17.46 2.19
N SER B 162 1.33 -16.31 2.28
CA SER B 162 1.01 -15.37 3.34
C SER B 162 -0.40 -14.80 3.15
N THR B 163 -0.81 -14.61 1.90
CA THR B 163 -2.10 -13.97 1.61
C THR B 163 -2.93 -14.69 0.56
N TYR B 164 -2.55 -15.92 0.22
CA TYR B 164 -3.27 -16.68 -0.78
C TYR B 164 -3.20 -18.17 -0.47
N SER B 165 -3.80 -18.98 -1.36
CA SER B 165 -3.97 -20.41 -1.12
C SER B 165 -3.90 -21.17 -2.43
N ALA B 166 -3.56 -22.45 -2.35
CA ALA B 166 -3.62 -23.33 -3.51
C ALA B 166 -4.06 -24.76 -3.15
N ALA B 167 -4.45 -25.51 -4.17
CA ALA B 167 -4.73 -26.89 -4.01
C ALA B 167 -4.57 -27.63 -5.32
N ILE B 168 -4.24 -28.91 -5.23
CA ILE B 168 -4.04 -29.76 -6.40
C ILE B 168 -5.02 -30.95 -6.36
N THR B 169 -5.63 -31.26 -7.50
CA THR B 169 -6.53 -32.43 -7.58
C THR B 169 -5.78 -33.68 -7.99
N ALA B 170 -6.45 -34.81 -7.90
CA ALA B 170 -5.83 -36.09 -8.27
C ALA B 170 -5.48 -36.13 -9.78
N GLU B 171 -6.31 -35.49 -10.63
CA GLU B 171 -6.03 -35.33 -12.08
C GLU B 171 -4.83 -34.45 -12.39
N GLY B 172 -4.42 -33.60 -11.46
CA GLY B 172 -3.30 -32.69 -11.71
C GLY B 172 -3.68 -31.25 -12.07
N GLU B 173 -4.90 -30.84 -11.79
CA GLU B 173 -5.25 -29.44 -11.88
C GLU B 173 -4.80 -28.66 -10.64
N LEU B 174 -4.38 -27.42 -10.85
CA LEU B 174 -3.93 -26.53 -9.80
C LEU B 174 -4.92 -25.38 -9.69
N TYR B 175 -5.45 -25.16 -8.48
CA TYR B 175 -6.37 -24.06 -8.19
C TYR B 175 -5.64 -23.11 -7.26
N THR B 176 -5.77 -21.81 -7.48
CA THR B 176 -5.23 -20.82 -6.55
C THR B 176 -6.32 -19.82 -6.21
N TRP B 177 -6.18 -19.15 -5.07
CA TRP B 177 -7.11 -18.08 -4.71
C TRP B 177 -6.56 -17.22 -3.60
N GLY B 178 -7.18 -16.06 -3.38
CA GLY B 178 -6.70 -15.08 -2.40
C GLY B 178 -6.20 -13.84 -3.11
N ARG B 179 -5.22 -13.16 -2.52
CA ARG B 179 -4.69 -11.91 -3.08
C ARG B 179 -3.99 -12.16 -4.38
N GLY B 180 -4.09 -11.21 -5.28
CA GLY B 180 -3.61 -11.39 -6.65
C GLY B 180 -2.42 -10.52 -7.02
N ASN B 181 -2.00 -9.68 -6.10
CA ASN B 181 -0.91 -8.72 -6.35
C ASN B 181 0.33 -9.37 -6.99
N TYR B 182 0.85 -8.71 -8.02
CA TYR B 182 2.00 -9.18 -8.77
C TYR B 182 1.83 -10.53 -9.47
N GLY B 183 0.60 -10.94 -9.67
CA GLY B 183 0.31 -12.12 -10.43
C GLY B 183 0.58 -13.44 -9.74
N ARG B 184 0.61 -13.45 -8.41
CA ARG B 184 0.91 -14.64 -7.64
C ARG B 184 -0.07 -15.77 -7.84
N LEU B 185 -1.29 -15.48 -8.26
CA LEU B 185 -2.29 -16.55 -8.51
C LEU B 185 -2.06 -17.23 -9.86
N GLY B 186 -1.38 -16.57 -10.79
CA GLY B 186 -1.09 -17.15 -12.09
C GLY B 186 -2.19 -17.10 -13.16
N HIS B 187 -3.16 -16.20 -13.03
CA HIS B 187 -4.25 -16.12 -14.03
C HIS B 187 -4.13 -14.92 -14.97
N GLY B 188 -2.93 -14.41 -15.17
CA GLY B 188 -2.71 -13.35 -16.17
C GLY B 188 -3.13 -11.95 -15.75
N SER B 189 -3.36 -11.75 -14.47
CA SER B 189 -3.67 -10.42 -13.94
C SER B 189 -3.33 -10.38 -12.47
N SER B 190 -3.62 -9.25 -11.84
CA SER B 190 -3.36 -9.04 -10.41
C SER B 190 -4.63 -9.09 -9.58
N GLU B 191 -5.71 -9.62 -10.17
CA GLU B 191 -7.04 -9.60 -9.52
C GLU B 191 -7.10 -10.61 -8.38
N ASP B 192 -7.63 -10.18 -7.24
CA ASP B 192 -7.93 -11.09 -6.14
C ASP B 192 -8.98 -12.11 -6.55
N GLU B 193 -9.02 -13.27 -5.90
CA GLU B 193 -10.08 -14.25 -6.15
C GLU B 193 -10.49 -14.95 -4.86
N ALA B 194 -11.78 -14.89 -4.57
CA ALA B 194 -12.34 -15.41 -3.34
C ALA B 194 -12.89 -16.83 -3.50
N ILE B 195 -12.77 -17.36 -4.69
CA ILE B 195 -13.24 -18.68 -5.04
C ILE B 195 -12.06 -19.34 -5.76
N PRO B 196 -11.78 -20.61 -5.48
CA PRO B 196 -10.67 -21.26 -6.16
C PRO B 196 -10.80 -21.19 -7.67
N MET B 197 -9.72 -20.87 -8.35
CA MET B 197 -9.73 -20.74 -9.76
C MET B 197 -8.61 -21.55 -10.41
N LEU B 198 -8.99 -22.30 -11.44
CA LEU B 198 -8.07 -23.11 -12.22
C LEU B 198 -6.93 -22.29 -12.79
N VAL B 199 -5.71 -22.77 -12.64
CA VAL B 199 -4.59 -22.17 -13.32
C VAL B 199 -4.54 -22.71 -14.76
N ALA B 200 -5.23 -22.03 -15.67
CA ALA B 200 -5.30 -22.43 -17.09
C ALA B 200 -3.94 -22.70 -17.74
N GLY B 201 -2.93 -21.91 -17.41
CA GLY B 201 -1.59 -22.09 -18.02
C GLY B 201 -0.93 -23.46 -17.82
N LEU B 202 -1.37 -24.23 -16.85
CA LEU B 202 -0.85 -25.58 -16.63
C LEU B 202 -1.84 -26.67 -17.02
N LYS B 203 -3.01 -26.28 -17.51
CA LYS B 203 -4.02 -27.21 -18.02
C LYS B 203 -3.35 -28.06 -19.07
N GLY B 204 -3.46 -29.39 -18.92
CA GLY B 204 -2.84 -30.35 -19.84
C GLY B 204 -1.61 -31.02 -19.26
N LEU B 205 -1.05 -30.47 -18.19
CA LEU B 205 0.04 -31.07 -17.47
C LEU B 205 -0.48 -31.52 -16.14
N LYS B 206 0.16 -32.54 -15.56
CA LYS B 206 -0.23 -33.01 -14.25
C LYS B 206 0.63 -32.36 -13.17
N VAL B 207 0.07 -31.40 -12.43
CA VAL B 207 0.81 -30.71 -11.37
C VAL B 207 0.88 -31.64 -10.17
N ILE B 208 2.08 -31.78 -9.57
CA ILE B 208 2.26 -32.68 -8.43
C ILE B 208 2.75 -31.99 -7.15
N ASP B 209 3.29 -30.79 -7.26
CA ASP B 209 3.61 -30.00 -6.09
C ASP B 209 3.45 -28.53 -6.39
N VAL B 210 3.24 -27.74 -5.35
CA VAL B 210 3.09 -26.31 -5.44
C VAL B 210 3.53 -25.67 -4.12
N ALA B 211 4.15 -24.51 -4.19
CA ALA B 211 4.55 -23.78 -2.97
C ALA B 211 4.30 -22.26 -3.16
N CYS B 212 3.87 -21.61 -2.08
CA CYS B 212 3.49 -20.24 -2.13
C CYS B 212 4.38 -19.38 -1.24
N GLY B 213 4.60 -18.14 -1.66
CA GLY B 213 5.47 -17.23 -0.94
C GLY B 213 4.76 -16.12 -0.18
N SER B 214 5.56 -15.14 0.25
CA SER B 214 5.11 -14.05 1.08
C SER B 214 5.62 -12.70 0.56
N GLY B 215 5.20 -11.63 1.24
CA GLY B 215 5.41 -10.26 0.79
C GLY B 215 4.97 -10.16 -0.65
N ASP B 216 5.83 -9.57 -1.50
CA ASP B 216 5.64 -9.61 -2.94
C ASP B 216 6.05 -10.99 -3.39
N ALA B 217 5.05 -11.84 -3.58
CA ALA B 217 5.23 -13.27 -3.52
C ALA B 217 5.39 -13.91 -4.87
N GLN B 218 6.21 -14.95 -4.88
CA GLN B 218 6.33 -15.87 -5.98
C GLN B 218 5.53 -17.13 -5.70
N THR B 219 5.27 -17.88 -6.75
CA THR B 219 4.61 -19.16 -6.63
C THR B 219 5.40 -20.15 -7.49
N LEU B 220 5.59 -21.37 -7.00
CA LEU B 220 6.36 -22.39 -7.73
C LEU B 220 5.53 -23.64 -7.87
N ALA B 221 5.74 -24.38 -8.94
CA ALA B 221 5.03 -25.64 -9.09
C ALA B 221 5.85 -26.66 -9.84
N VAL B 222 5.50 -27.92 -9.70
CA VAL B 222 6.20 -28.99 -10.39
C VAL B 222 5.16 -29.85 -11.07
N THR B 223 5.44 -30.25 -12.29
CA THR B 223 4.58 -31.15 -13.05
C THR B 223 5.21 -32.54 -13.16
N GLU B 224 4.41 -33.55 -13.48
CA GLU B 224 4.86 -34.93 -13.44
C GLU B 224 5.96 -35.23 -14.49
N ASN B 225 6.00 -34.44 -15.55
CA ASN B 225 7.03 -34.63 -16.60
C ASN B 225 8.39 -34.09 -16.21
N GLY B 226 8.54 -33.66 -14.96
CA GLY B 226 9.81 -33.06 -14.50
C GLY B 226 10.03 -31.57 -14.75
N GLN B 227 9.03 -30.88 -15.29
CA GLN B 227 9.16 -29.45 -15.52
C GLN B 227 8.85 -28.69 -14.21
N VAL B 228 9.57 -27.60 -13.97
CA VAL B 228 9.35 -26.72 -12.83
C VAL B 228 8.91 -25.34 -13.34
N TRP B 229 7.99 -24.68 -12.60
CA TRP B 229 7.33 -23.47 -13.05
C TRP B 229 7.36 -22.43 -11.98
N SER B 230 7.44 -21.18 -12.39
CA SER B 230 7.35 -20.09 -11.45
C SER B 230 6.57 -18.93 -12.04
N TRP B 231 5.96 -18.15 -11.15
CA TRP B 231 5.32 -16.92 -11.53
C TRP B 231 5.13 -16.05 -10.30
N GLY B 232 4.62 -14.84 -10.51
CA GLY B 232 4.46 -13.85 -9.45
C GLY B 232 5.53 -12.75 -9.50
N ASP B 233 5.91 -12.25 -8.33
CA ASP B 233 6.87 -11.17 -8.24
C ASP B 233 8.29 -11.65 -8.51
N GLY B 234 9.06 -10.83 -9.21
CA GLY B 234 10.37 -11.22 -9.70
C GLY B 234 11.56 -10.70 -8.93
N ASP B 235 11.31 -9.86 -7.95
CA ASP B 235 12.37 -9.30 -7.12
C ASP B 235 13.34 -10.37 -6.61
N TYR B 236 14.62 -10.01 -6.61
CA TYR B 236 15.72 -10.85 -6.13
C TYR B 236 15.96 -12.09 -6.98
N GLY B 237 15.33 -12.16 -8.14
CA GLY B 237 15.49 -13.28 -9.06
C GLY B 237 14.92 -14.58 -8.57
N LYS B 238 14.02 -14.49 -7.60
CA LYS B 238 13.37 -15.69 -7.04
C LYS B 238 12.55 -16.52 -8.04
N LEU B 239 12.24 -15.98 -9.21
CA LEU B 239 11.52 -16.77 -10.24
C LEU B 239 12.45 -17.70 -10.97
N GLY B 240 13.75 -17.45 -10.90
CA GLY B 240 14.76 -18.35 -11.47
C GLY B 240 15.12 -18.15 -12.93
N ARG B 241 14.78 -17.01 -13.52
CA ARG B 241 15.11 -16.74 -14.94
C ARG B 241 15.94 -15.46 -15.11
N GLY B 242 16.77 -15.13 -14.13
CA GLY B 242 17.58 -13.91 -14.19
C GLY B 242 16.81 -12.63 -13.88
N GLY B 243 17.56 -11.55 -13.65
CA GLY B 243 16.99 -10.25 -13.44
C GLY B 243 15.96 -10.18 -12.34
N SER B 244 14.98 -9.31 -12.52
CA SER B 244 13.98 -9.18 -11.50
C SER B 244 12.56 -8.91 -12.03
N ASP B 245 12.30 -9.28 -13.27
CA ASP B 245 10.99 -9.10 -13.86
C ASP B 245 10.01 -10.13 -13.30
N GLY B 246 8.77 -9.69 -13.04
CA GLY B 246 7.71 -10.60 -12.63
C GLY B 246 6.95 -11.18 -13.82
N CYS B 247 6.05 -12.12 -13.55
CA CYS B 247 5.13 -12.56 -14.57
C CYS B 247 3.84 -13.04 -13.90
N LYS B 248 2.77 -13.06 -14.68
CA LYS B 248 1.43 -13.26 -14.16
C LYS B 248 0.79 -14.56 -14.60
N THR B 249 1.54 -15.36 -15.33
CA THR B 249 1.13 -16.71 -15.68
C THR B 249 2.36 -17.60 -15.53
N PRO B 250 2.16 -18.91 -15.34
CA PRO B 250 3.27 -19.84 -15.10
C PRO B 250 4.25 -19.90 -16.24
N LYS B 251 5.52 -19.91 -15.92
CA LYS B 251 6.58 -19.99 -16.90
C LYS B 251 7.65 -20.98 -16.43
N LEU B 252 8.28 -21.65 -17.40
CA LEU B 252 9.23 -22.70 -17.14
C LEU B 252 10.54 -22.20 -16.56
N ILE B 253 11.08 -22.94 -15.60
CA ILE B 253 12.44 -22.65 -15.11
C ILE B 253 13.38 -23.56 -15.91
N GLU B 254 13.95 -23.02 -16.97
CA GLU B 254 14.74 -23.80 -17.91
C GLU B 254 15.99 -24.40 -17.28
N LYS B 255 16.56 -23.75 -16.26
CA LYS B 255 17.80 -24.26 -15.64
C LYS B 255 17.59 -25.55 -14.87
N LEU B 256 16.35 -25.84 -14.50
CA LEU B 256 16.00 -27.08 -13.81
C LEU B 256 15.52 -28.22 -14.71
N GLN B 257 15.56 -28.03 -16.02
CA GLN B 257 15.14 -29.09 -16.92
C GLN B 257 15.98 -30.35 -16.71
N ASP B 258 15.32 -31.49 -16.78
CA ASP B 258 15.99 -32.81 -16.83
C ASP B 258 16.68 -33.15 -15.52
N LEU B 259 16.30 -32.50 -14.42
CA LEU B 259 16.90 -32.83 -13.10
C LEU B 259 16.01 -33.66 -12.21
N ASP B 260 14.80 -33.98 -12.68
CA ASP B 260 13.90 -34.79 -11.91
CA ASP B 260 13.89 -34.81 -11.92
C ASP B 260 13.60 -34.14 -10.57
N VAL B 261 13.16 -32.88 -10.62
CA VAL B 261 12.73 -32.15 -9.41
C VAL B 261 11.37 -32.70 -9.00
N VAL B 262 11.18 -32.88 -7.70
CA VAL B 262 9.92 -33.43 -7.18
C VAL B 262 9.23 -32.58 -6.12
N LYS B 263 9.94 -31.65 -5.49
CA LYS B 263 9.32 -30.77 -4.53
C LYS B 263 9.89 -29.36 -4.67
N VAL B 264 9.05 -28.37 -4.39
CA VAL B 264 9.47 -26.99 -4.28
C VAL B 264 9.03 -26.42 -2.93
N ARG B 265 9.77 -25.40 -2.47
CA ARG B 265 9.43 -24.70 -1.24
C ARG B 265 9.77 -23.23 -1.46
N CYS B 266 9.10 -22.36 -0.71
CA CYS B 266 9.35 -20.93 -0.72
C CYS B 266 9.64 -20.48 0.69
N GLY B 267 10.71 -19.74 0.89
CA GLY B 267 10.87 -18.98 2.13
C GLY B 267 10.63 -17.54 1.74
N SER B 268 10.98 -16.60 2.60
CA SER B 268 10.74 -15.21 2.30
C SER B 268 11.67 -14.74 1.19
N GLN B 269 11.10 -14.53 0.01
CA GLN B 269 11.79 -13.98 -1.15
C GLN B 269 12.87 -14.90 -1.72
N PHE B 270 12.77 -16.19 -1.41
CA PHE B 270 13.68 -17.18 -2.01
C PHE B 270 12.97 -18.51 -2.23
N SER B 271 13.58 -19.34 -3.05
CA SER B 271 12.94 -20.51 -3.57
C SER B 271 13.87 -21.71 -3.44
N ILE B 272 13.28 -22.89 -3.36
CA ILE B 272 13.97 -24.14 -3.17
C ILE B 272 13.39 -25.20 -4.10
N ALA B 273 14.24 -26.04 -4.62
CA ALA B 273 13.80 -27.22 -5.35
C ALA B 273 14.62 -28.41 -4.90
N LEU B 274 13.97 -29.56 -4.88
CA LEU B 274 14.53 -30.78 -4.40
C LEU B 274 14.38 -31.84 -5.47
N THR B 275 15.44 -32.57 -5.79
CA THR B 275 15.35 -33.62 -6.81
C THR B 275 14.97 -34.96 -6.24
N LYS B 276 14.53 -35.87 -7.11
CA LYS B 276 14.30 -37.26 -6.74
C LYS B 276 15.56 -37.92 -6.14
N ASP B 277 16.73 -37.51 -6.59
CA ASP B 277 17.97 -38.14 -6.11
C ASP B 277 18.63 -37.35 -4.97
N GLY B 278 17.87 -36.43 -4.38
CA GLY B 278 18.26 -35.82 -3.13
C GLY B 278 19.13 -34.57 -3.21
N GLN B 279 19.23 -33.96 -4.39
CA GLN B 279 19.95 -32.70 -4.52
C GLN B 279 18.99 -31.53 -4.30
N VAL B 280 19.54 -30.44 -3.81
CA VAL B 280 18.76 -29.25 -3.44
C VAL B 280 19.30 -28.04 -4.21
N TYR B 281 18.41 -27.24 -4.77
CA TYR B 281 18.79 -25.98 -5.39
C TYR B 281 18.07 -24.83 -4.69
N SER B 282 18.77 -23.74 -4.44
CA SER B 282 18.16 -22.57 -3.85
C SER B 282 18.55 -21.35 -4.65
N TRP B 283 17.63 -20.41 -4.71
CA TRP B 283 17.85 -19.17 -5.41
C TRP B 283 16.89 -18.09 -4.87
N GLY B 284 17.16 -16.84 -5.21
CA GLY B 284 16.41 -15.69 -4.68
C GLY B 284 17.27 -14.77 -3.81
N LYS B 285 16.65 -14.18 -2.79
CA LYS B 285 17.27 -13.18 -1.96
C LYS B 285 18.30 -13.81 -1.06
N GLY B 286 19.41 -13.11 -0.87
CA GLY B 286 20.57 -13.67 -0.21
C GLY B 286 20.79 -13.22 1.23
N ASP B 287 20.02 -12.23 1.68
CA ASP B 287 20.25 -11.62 2.99
C ASP B 287 20.12 -12.63 4.12
N ASN B 288 20.95 -12.44 5.14
CA ASN B 288 20.90 -13.27 6.34
C ASN B 288 21.24 -14.75 6.02
N GLN B 289 21.96 -14.99 4.91
CA GLN B 289 22.44 -16.32 4.53
C GLN B 289 21.34 -17.31 4.27
N ARG B 290 20.15 -16.84 3.92
CA ARG B 290 19.02 -17.74 3.77
C ARG B 290 19.13 -18.77 2.64
N LEU B 291 19.98 -18.51 1.65
CA LEU B 291 20.17 -19.46 0.54
C LEU B 291 21.10 -20.63 0.85
N GLY B 292 21.98 -20.46 1.85
CA GLY B 292 22.95 -21.51 2.25
C GLY B 292 24.21 -21.70 1.42
N HIS B 293 24.48 -20.81 0.47
CA HIS B 293 25.66 -20.94 -0.39
C HIS B 293 26.90 -20.33 0.18
N GLY B 294 26.79 -19.61 1.29
CA GLY B 294 27.98 -19.12 2.00
C GLY B 294 28.26 -17.65 1.86
N THR B 295 27.50 -16.96 1.03
CA THR B 295 27.54 -15.48 0.99
C THR B 295 26.11 -14.97 0.94
N GLU B 296 25.94 -13.65 0.96
CA GLU B 296 24.60 -13.04 0.97
C GLU B 296 24.20 -12.42 -0.37
N GLU B 297 24.96 -12.71 -1.41
CA GLU B 297 24.61 -12.23 -2.75
C GLU B 297 23.26 -12.87 -3.16
N HIS B 298 22.39 -12.07 -3.76
CA HIS B 298 21.19 -12.60 -4.40
C HIS B 298 21.64 -13.54 -5.52
N VAL B 299 20.88 -14.60 -5.76
CA VAL B 299 21.21 -15.57 -6.78
C VAL B 299 20.00 -15.69 -7.67
N ARG B 300 20.17 -15.41 -8.97
CA ARG B 300 19.01 -15.18 -9.85
C ARG B 300 18.66 -16.36 -10.78
N TYR B 301 19.46 -17.42 -10.67
CA TYR B 301 19.11 -18.69 -11.30
C TYR B 301 19.34 -19.81 -10.28
N PRO B 302 18.58 -20.89 -10.37
CA PRO B 302 18.75 -21.99 -9.45
C PRO B 302 20.20 -22.42 -9.32
N LYS B 303 20.70 -22.55 -8.10
CA LYS B 303 22.09 -22.92 -7.86
C LYS B 303 22.14 -24.12 -6.92
N LEU B 304 22.94 -25.12 -7.29
CA LEU B 304 23.10 -26.31 -6.48
C LEU B 304 23.68 -25.94 -5.12
N LEU B 305 23.06 -26.45 -4.06
CA LEU B 305 23.50 -26.20 -2.70
C LEU B 305 24.61 -27.19 -2.32
N GLU B 306 25.86 -26.75 -2.50
CA GLU B 306 27.00 -27.65 -2.42
C GLU B 306 27.16 -28.29 -1.04
N GLY B 307 26.82 -27.55 0.00
CA GLY B 307 26.99 -28.06 1.37
C GLY B 307 26.24 -29.35 1.69
N LEU B 308 25.27 -29.72 0.85
CA LEU B 308 24.50 -30.96 1.01
C LEU B 308 24.82 -32.04 -0.02
N GLN B 309 25.66 -31.74 -1.03
CA GLN B 309 26.13 -32.78 -1.95
C GLN B 309 26.76 -33.90 -1.11
N GLY B 310 26.55 -35.15 -1.54
CA GLY B 310 26.94 -36.31 -0.75
C GLY B 310 25.82 -36.86 0.09
N LYS B 311 24.91 -35.99 0.53
CA LYS B 311 23.78 -36.41 1.33
C LYS B 311 22.58 -36.51 0.42
N LYS B 312 21.74 -37.49 0.69
CA LYS B 312 20.52 -37.68 -0.05
C LYS B 312 19.36 -37.06 0.74
N VAL B 313 18.94 -35.87 0.33
CA VAL B 313 17.92 -35.13 1.06
C VAL B 313 16.54 -35.63 0.65
N ILE B 314 15.68 -35.88 1.65
CA ILE B 314 14.31 -36.38 1.39
C ILE B 314 13.24 -35.37 1.72
N ASP B 315 13.57 -34.34 2.49
CA ASP B 315 12.68 -33.20 2.65
C ASP B 315 13.44 -31.92 3.05
N VAL B 316 12.89 -30.78 2.68
CA VAL B 316 13.40 -29.49 3.08
C VAL B 316 12.23 -28.70 3.63
N ALA B 317 12.47 -27.96 4.71
CA ALA B 317 11.45 -27.14 5.30
C ALA B 317 12.02 -25.73 5.39
N ALA B 318 11.33 -24.79 4.75
CA ALA B 318 11.81 -23.43 4.64
C ALA B 318 10.98 -22.58 5.57
N GLY B 319 11.58 -22.01 6.59
CA GLY B 319 10.95 -20.99 7.41
C GLY B 319 11.05 -19.68 6.68
N SER B 320 10.91 -18.56 7.37
CA SER B 320 11.01 -17.27 6.71
C SER B 320 12.39 -17.03 6.16
N THR B 321 13.38 -17.09 7.06
CA THR B 321 14.76 -16.85 6.68
C THR B 321 15.73 -17.95 7.12
N HIS B 322 15.21 -19.15 7.40
CA HIS B 322 16.04 -20.31 7.74
C HIS B 322 15.40 -21.58 7.21
N CYS B 323 16.18 -22.63 7.09
CA CYS B 323 15.71 -23.90 6.53
C CYS B 323 16.23 -25.07 7.31
N LEU B 324 15.48 -26.17 7.21
CA LEU B 324 15.94 -27.49 7.66
C LEU B 324 15.90 -28.42 6.47
N ALA B 325 16.81 -29.40 6.47
CA ALA B 325 16.79 -30.47 5.50
C ALA B 325 16.97 -31.82 6.21
N LEU B 326 16.10 -32.77 5.87
CA LEU B 326 16.17 -34.11 6.42
C LEU B 326 16.75 -35.04 5.36
N THR B 327 17.69 -35.88 5.76
CA THR B 327 18.33 -36.82 4.85
C THR B 327 17.75 -38.22 4.99
N GLU B 328 17.93 -39.02 3.94
CA GLU B 328 17.56 -40.45 3.92
C GLU B 328 18.06 -41.19 5.15
N ASP B 329 19.29 -40.90 5.57
CA ASP B 329 19.91 -41.54 6.74
C ASP B 329 19.63 -40.77 8.04
N SER B 330 18.59 -39.95 8.03
CA SER B 330 18.03 -39.37 9.25
C SER B 330 18.85 -38.23 9.92
N GLU B 331 19.79 -37.61 9.19
CA GLU B 331 20.46 -36.42 9.69
C GLU B 331 19.59 -35.21 9.41
N VAL B 332 19.65 -34.22 10.29
CA VAL B 332 18.92 -32.97 10.12
C VAL B 332 19.89 -31.80 10.00
N HIS B 333 19.95 -31.21 8.82
CA HIS B 333 20.86 -30.09 8.53
C HIS B 333 20.10 -28.79 8.57
N SER B 334 20.78 -27.70 8.90
CA SER B 334 20.13 -26.39 8.85
C SER B 334 21.10 -25.32 8.39
N TRP B 335 20.56 -24.20 7.97
CA TRP B 335 21.34 -23.03 7.58
C TRP B 335 20.42 -21.79 7.57
N GLY B 336 21.05 -20.62 7.52
CA GLY B 336 20.32 -19.37 7.38
C GLY B 336 20.37 -18.48 8.59
N SER B 337 19.31 -17.71 8.79
CA SER B 337 19.30 -16.68 9.81
C SER B 337 19.28 -17.30 11.19
N ASN B 338 19.94 -16.63 12.15
CA ASN B 338 19.96 -17.08 13.55
C ASN B 338 19.71 -15.93 14.55
N ASP B 339 18.90 -14.97 14.12
CA ASP B 339 18.55 -13.82 14.96
C ASP B 339 17.76 -14.19 16.22
N GLN B 340 17.04 -15.31 16.16
CA GLN B 340 16.20 -15.80 17.26
C GLN B 340 16.55 -17.24 17.63
N CYS B 341 17.82 -17.62 17.53
CA CYS B 341 18.28 -18.96 17.91
C CYS B 341 17.59 -20.09 17.15
N GLN B 342 17.29 -19.89 15.87
CA GLN B 342 16.70 -20.95 15.03
C GLN B 342 17.67 -22.12 14.87
N HIS B 343 18.94 -21.89 15.20
CA HIS B 343 20.01 -22.90 15.13
C HIS B 343 20.70 -23.02 16.45
N PHE B 344 20.45 -24.11 17.16
CA PHE B 344 20.95 -24.24 18.52
C PHE B 344 22.41 -24.63 18.54
N ASP B 345 23.04 -24.84 17.37
CA ASP B 345 24.43 -25.26 17.30
C ASP B 345 25.38 -24.14 16.98
N THR B 346 24.90 -22.91 16.83
CA THR B 346 25.77 -21.78 16.56
C THR B 346 25.42 -20.55 17.39
N LEU B 347 26.47 -19.85 17.84
CA LEU B 347 26.33 -18.65 18.67
C LEU B 347 26.13 -17.40 17.76
N ARG B 348 26.75 -17.40 16.58
CA ARG B 348 26.70 -16.24 15.68
C ARG B 348 25.29 -16.00 15.11
N VAL B 349 25.06 -14.80 14.59
CA VAL B 349 23.70 -14.36 14.14
C VAL B 349 23.25 -14.98 12.81
N THR B 350 24.17 -15.64 12.11
CA THR B 350 23.82 -16.50 10.96
C THR B 350 24.58 -17.82 10.98
N LYS B 351 24.03 -18.79 10.24
CA LYS B 351 24.69 -20.07 9.95
C LYS B 351 24.82 -20.12 8.41
N PRO B 352 25.97 -19.64 7.87
CA PRO B 352 26.15 -19.48 6.42
C PRO B 352 25.94 -20.71 5.56
N GLU B 353 26.51 -21.84 6.00
CA GLU B 353 26.42 -23.05 5.22
C GLU B 353 25.73 -24.17 5.97
N PRO B 354 25.13 -25.12 5.23
CA PRO B 354 24.44 -26.25 5.86
C PRO B 354 25.40 -27.13 6.63
N ALA B 355 24.91 -27.67 7.73
CA ALA B 355 25.69 -28.57 8.55
C ALA B 355 24.71 -29.33 9.46
N ALA B 356 25.06 -30.58 9.75
CA ALA B 356 24.23 -31.43 10.59
C ALA B 356 24.10 -30.80 11.96
N LEU B 357 22.88 -30.81 12.48
CA LEU B 357 22.65 -30.47 13.88
C LEU B 357 22.97 -31.69 14.72
N PRO B 358 23.66 -31.48 15.84
CA PRO B 358 24.07 -32.59 16.70
C PRO B 358 22.95 -33.02 17.62
N GLY B 359 23.05 -34.24 18.16
CA GLY B 359 22.03 -34.82 19.01
C GLY B 359 20.93 -35.60 18.27
N LEU B 360 20.68 -35.26 17.00
CA LEU B 360 19.51 -35.72 16.27
C LEU B 360 19.70 -36.97 15.39
N ASP B 361 20.96 -37.27 15.05
CA ASP B 361 21.31 -38.41 14.18
C ASP B 361 20.72 -39.75 14.72
N THR B 362 20.58 -39.87 16.03
CA THR B 362 20.21 -41.13 16.66
C THR B 362 18.71 -41.32 16.96
N LYS B 363 17.87 -40.38 16.53
CA LYS B 363 16.44 -40.33 16.92
C LYS B 363 15.45 -40.78 15.82
N HIS B 364 15.96 -41.18 14.67
CA HIS B 364 15.14 -41.61 13.56
C HIS B 364 14.07 -40.57 13.27
N ILE B 365 14.51 -39.34 12.96
CA ILE B 365 13.59 -38.26 12.60
C ILE B 365 13.00 -38.56 11.25
N VAL B 366 11.69 -38.31 11.12
CA VAL B 366 10.97 -38.51 9.86
C VAL B 366 10.27 -37.25 9.37
N GLY B 367 10.13 -36.25 10.23
CA GLY B 367 9.47 -35.02 9.83
C GLY B 367 10.18 -33.80 10.36
N ILE B 368 10.11 -32.72 9.59
CA ILE B 368 10.66 -31.44 10.00
C ILE B 368 9.69 -30.32 9.61
N ALA B 369 9.76 -29.19 10.30
CA ALA B 369 8.89 -28.04 10.00
C ALA B 369 9.50 -26.78 10.55
N CYS B 370 9.31 -25.66 9.86
CA CYS B 370 9.84 -24.37 10.32
C CYS B 370 8.78 -23.27 10.40
N GLY B 371 8.81 -22.52 11.50
CA GLY B 371 8.05 -21.29 11.61
C GLY B 371 8.95 -20.14 11.29
N PRO B 372 8.52 -18.93 11.61
CA PRO B 372 9.36 -17.76 11.30
C PRO B 372 10.58 -17.66 12.21
N ALA B 373 10.50 -18.16 13.42
CA ALA B 373 11.65 -18.16 14.34
C ALA B 373 11.77 -19.47 15.11
N GLN B 374 11.25 -20.54 14.51
CA GLN B 374 11.07 -21.81 15.18
C GLN B 374 11.40 -22.96 14.25
N SER B 375 11.81 -24.07 14.84
CA SER B 375 12.05 -25.29 14.09
C SER B 375 11.58 -26.47 14.89
N PHE B 376 10.99 -27.44 14.21
CA PHE B 376 10.55 -28.68 14.84
C PHE B 376 11.04 -29.89 14.06
N ALA B 377 11.27 -30.98 14.78
CA ALA B 377 11.62 -32.25 14.16
C ALA B 377 10.98 -33.37 14.98
N TRP B 378 10.39 -34.37 14.32
CA TRP B 378 9.80 -35.51 15.04
C TRP B 378 10.12 -36.87 14.47
N SER B 379 10.18 -37.85 15.36
CA SER B 379 10.33 -39.25 15.00
C SER B 379 8.96 -39.78 14.71
N SER B 380 8.86 -41.04 14.34
CA SER B 380 7.58 -41.59 13.94
C SER B 380 6.72 -41.93 15.17
N CYS B 381 5.41 -41.77 15.03
CA CYS B 381 4.46 -42.16 16.11
C CYS B 381 3.98 -43.59 15.86
N LEU C 24 28.54 34.27 22.50
CA LEU C 24 28.79 34.35 21.04
C LEU C 24 27.55 33.99 20.16
N GLN C 25 27.11 32.74 20.18
CA GLN C 25 26.20 32.24 19.15
C GLN C 25 24.70 32.54 19.31
N GLU C 26 24.08 32.88 18.19
CA GLU C 26 22.63 32.99 18.12
C GLU C 26 22.07 31.78 17.34
N VAL C 27 21.03 31.17 17.92
CA VAL C 27 20.29 30.11 17.30
C VAL C 27 18.83 30.48 17.37
N ILE C 28 18.25 30.73 16.20
CA ILE C 28 16.87 31.15 16.09
C ILE C 28 16.04 30.03 15.50
N GLY C 29 14.84 29.83 16.04
CA GLY C 29 13.89 28.88 15.50
C GLY C 29 12.50 29.48 15.42
N TRP C 30 11.68 28.95 14.50
CA TRP C 30 10.28 29.34 14.43
C TRP C 30 9.50 28.27 13.71
N GLY C 31 8.17 28.33 13.83
CA GLY C 31 7.28 27.31 13.31
C GLY C 31 6.57 26.56 14.43
N LEU C 32 6.23 25.30 14.20
CA LEU C 32 5.47 24.51 15.16
C LEU C 32 6.41 23.95 16.21
N ILE C 33 6.55 24.70 17.29
CA ILE C 33 7.48 24.42 18.36
C ILE C 33 6.74 24.42 19.68
N GLY C 34 6.85 23.34 20.42
CA GLY C 34 6.04 23.13 21.61
C GLY C 34 6.58 23.67 22.92
N TRP C 35 7.83 24.16 22.96
CA TRP C 35 8.40 24.69 24.24
C TRP C 35 8.03 26.15 24.50
N LYS C 36 7.80 26.91 23.44
CA LYS C 36 7.41 28.33 23.59
C LYS C 36 7.20 28.95 22.24
N GLY C 43 6.83 35.26 17.02
CA GLY C 43 7.47 34.95 15.75
C GLY C 43 8.73 34.12 15.97
N PRO C 44 9.92 34.64 15.59
CA PRO C 44 11.17 33.89 15.74
C PRO C 44 11.63 33.87 17.19
N ILE C 45 12.17 32.73 17.64
CA ILE C 45 12.53 32.57 19.05
C ILE C 45 14.00 32.26 19.18
N GLN C 46 14.62 32.87 20.16
CA GLN C 46 16.02 32.74 20.42
C GLN C 46 16.17 31.50 21.30
N CYS C 47 16.88 30.49 20.81
CA CYS C 47 16.98 29.20 21.51
C CYS C 47 18.27 29.11 22.32
N GLU C 48 18.33 29.74 23.48
CA GLU C 48 19.61 29.83 24.18
C GLU C 48 20.09 28.43 24.61
N GLY C 49 19.14 27.54 24.86
CA GLY C 49 19.45 26.15 25.19
C GLY C 49 20.36 25.51 24.16
N LEU C 50 20.11 25.79 22.89
CA LEU C 50 20.91 25.28 21.78
C LEU C 50 22.24 26.01 21.61
N ALA C 51 22.27 27.30 21.89
CA ALA C 51 23.49 28.09 21.73
C ALA C 51 24.60 27.62 22.66
N ASN C 52 24.24 27.17 23.87
CA ASN C 52 25.20 26.60 24.81
C ASN C 52 26.03 25.46 24.21
N LEU C 53 25.40 24.66 23.37
CA LEU C 53 26.07 23.54 22.75
C LEU C 53 27.17 23.96 21.76
N GLY C 54 27.03 25.14 21.16
CA GLY C 54 27.91 25.51 20.04
C GLY C 54 27.50 24.71 18.81
N VAL C 55 26.46 25.19 18.14
CA VAL C 55 25.88 24.47 17.02
C VAL C 55 26.69 24.64 15.74
N THR C 56 26.98 23.52 15.08
CA THR C 56 27.64 23.53 13.76
C THR C 56 26.71 22.99 12.68
N GLN C 57 25.80 22.11 13.09
CA GLN C 57 24.83 21.49 12.19
C GLN C 57 23.55 21.12 12.91
N ILE C 58 22.43 21.16 12.18
CA ILE C 58 21.15 20.65 12.68
C ILE C 58 20.50 19.80 11.60
N ALA C 59 20.10 18.57 11.94
CA ALA C 59 19.43 17.67 11.02
C ALA C 59 18.03 17.40 11.51
N CYS C 60 17.06 17.85 10.73
CA CYS C 60 15.67 17.83 11.14
C CYS C 60 14.99 16.56 10.68
N ALA C 61 14.46 15.80 11.62
CA ALA C 61 13.65 14.62 11.29
C ALA C 61 12.20 15.01 11.44
N GLU C 62 11.30 14.03 11.43
CA GLU C 62 9.87 14.36 11.46
C GLU C 62 9.34 14.82 12.82
N LYS C 63 9.72 14.13 13.90
CA LYS C 63 9.23 14.50 15.25
C LYS C 63 10.32 15.13 16.12
N ARG C 64 11.56 15.08 15.65
CA ARG C 64 12.66 15.60 16.41
C ARG C 64 13.81 16.02 15.53
N PHE C 65 14.80 16.66 16.14
CA PHE C 65 15.99 17.07 15.42
C PHE C 65 17.23 16.75 16.19
N LEU C 66 18.31 16.53 15.44
CA LEU C 66 19.61 16.28 15.97
C LEU C 66 20.40 17.56 15.89
N ILE C 67 21.26 17.78 16.87
CA ILE C 67 22.17 18.93 16.88
C ILE C 67 23.60 18.43 17.05
N LEU C 68 24.51 18.90 16.19
CA LEU C 68 25.93 18.56 16.30
C LEU C 68 26.64 19.73 16.92
N SER C 69 27.45 19.45 17.96
CA SER C 69 28.17 20.50 18.69
CA SER C 69 28.19 20.47 18.71
C SER C 69 29.61 20.64 18.20
N ARG C 70 30.18 21.82 18.45
CA ARG C 70 31.58 22.14 18.14
C ARG C 70 32.53 21.04 18.59
N ASN C 71 32.26 20.47 19.77
CA ASN C 71 33.09 19.40 20.34
C ASN C 71 32.81 17.98 19.79
N GLY C 72 31.94 17.86 18.80
CA GLY C 72 31.72 16.58 18.14
C GLY C 72 30.77 15.65 18.87
N ARG C 73 29.92 16.21 19.71
CA ARG C 73 28.84 15.43 20.30
C ARG C 73 27.53 15.72 19.62
N VAL C 74 26.58 14.80 19.75
CA VAL C 74 25.28 14.88 19.11
C VAL C 74 24.15 14.87 20.14
N TYR C 75 23.22 15.81 20.01
CA TYR C 75 22.10 15.93 20.94
C TYR C 75 20.82 15.78 20.22
N THR C 76 19.77 15.40 20.94
CA THR C 76 18.47 15.25 20.31
C THR C 76 17.40 15.98 21.10
N GLN C 77 16.44 16.55 20.38
CA GLN C 77 15.33 17.32 20.93
C GLN C 77 14.06 17.11 20.10
N ALA C 78 12.93 16.93 20.75
CA ALA C 78 11.62 16.82 20.07
C ALA C 78 11.04 18.19 19.82
N TYR C 79 10.37 18.36 18.69
CA TYR C 79 9.74 19.64 18.35
C TYR C 79 8.61 19.99 19.30
N ASN C 80 7.88 18.96 19.75
CA ASN C 80 6.69 19.20 20.56
CA ASN C 80 6.66 19.12 20.56
C ASN C 80 6.84 18.88 22.04
N SER C 81 8.09 18.81 22.52
CA SER C 81 8.30 18.75 23.98
C SER C 81 7.89 20.04 24.64
N ASP C 82 7.55 19.96 25.93
CA ASP C 82 7.18 21.13 26.71
C ASP C 82 8.41 21.97 27.08
N THR C 83 9.57 21.31 27.11
CA THR C 83 10.80 21.91 27.57
C THR C 83 11.84 21.78 26.52
N LEU C 84 12.60 22.85 26.30
CA LEU C 84 13.79 22.82 25.46
C LEU C 84 14.98 22.37 26.32
N ALA C 85 15.58 21.23 25.99
CA ALA C 85 16.61 20.61 26.82
C ALA C 85 17.23 19.44 26.05
N PRO C 86 18.16 19.74 25.14
CA PRO C 86 18.65 18.69 24.29
C PRO C 86 19.42 17.65 25.05
N GLN C 87 19.16 16.39 24.72
CA GLN C 87 19.75 15.27 25.44
C GLN C 87 20.83 14.66 24.58
N LEU C 88 21.87 14.21 25.25
CA LEU C 88 23.00 13.64 24.61
C LEU C 88 22.58 12.31 24.00
N VAL C 89 22.94 12.09 22.73
CA VAL C 89 22.74 10.78 22.11
C VAL C 89 23.86 9.86 22.60
N GLN C 90 23.50 8.83 23.37
CA GLN C 90 24.51 7.89 23.89
C GLN C 90 24.95 6.91 22.80
N GLY C 91 26.18 6.43 22.91
CA GLY C 91 26.73 5.47 21.94
C GLY C 91 27.65 6.11 20.91
N LEU C 92 27.75 7.43 20.95
CA LEU C 92 28.70 8.16 20.12
C LEU C 92 29.88 8.78 20.90
N ALA C 93 29.81 8.72 22.24
CA ALA C 93 30.88 9.30 23.08
C ALA C 93 32.28 8.86 22.65
N SER C 94 32.41 7.62 22.19
CA SER C 94 33.70 7.12 21.68
C SER C 94 34.35 8.03 20.63
N ARG C 95 33.54 8.58 19.72
CA ARG C 95 34.06 9.21 18.50
C ARG C 95 33.76 10.74 18.38
N ASN C 96 34.47 11.37 17.45
CA ASN C 96 34.32 12.78 17.15
C ASN C 96 33.46 12.93 15.86
N ILE C 97 32.19 13.28 16.06
CA ILE C 97 31.25 13.35 14.94
C ILE C 97 31.44 14.66 14.18
N VAL C 98 31.50 14.57 12.85
CA VAL C 98 31.63 15.75 12.01
C VAL C 98 30.45 16.01 11.09
N LYS C 99 29.57 15.02 10.92
CA LYS C 99 28.34 15.23 10.15
C LYS C 99 27.19 14.41 10.71
N ILE C 100 25.99 14.95 10.54
CA ILE C 100 24.76 14.24 10.86
C ILE C 100 23.79 14.37 9.71
N ALA C 101 22.83 13.48 9.65
CA ALA C 101 21.81 13.56 8.64
C ALA C 101 20.52 12.93 9.11
N ALA C 102 19.44 13.38 8.50
CA ALA C 102 18.11 12.90 8.73
C ALA C 102 17.27 13.60 7.71
N HIS C 103 16.03 13.18 7.55
CA HIS C 103 15.15 13.77 6.53
C HIS C 103 13.91 14.26 7.20
N SER C 104 13.36 15.37 6.71
CA SER C 104 12.28 16.05 7.45
C SER C 104 10.94 15.25 7.52
N ASP C 105 10.78 14.23 6.67
CA ASP C 105 9.65 13.32 6.74
CA ASP C 105 9.64 13.30 6.76
C ASP C 105 10.12 11.92 7.22
N GLY C 106 11.29 11.87 7.88
CA GLY C 106 11.89 10.58 8.29
C GLY C 106 12.03 10.30 9.78
N HIS C 107 12.42 9.06 10.09
CA HIS C 107 12.54 8.51 11.44
C HIS C 107 13.82 7.67 11.58
N HIS C 108 14.85 8.02 10.83
CA HIS C 108 16.16 7.41 11.05
C HIS C 108 17.24 8.42 10.83
N TYR C 109 18.42 8.15 11.38
CA TYR C 109 19.49 9.12 11.51
C TYR C 109 20.79 8.48 11.09
N LEU C 110 21.66 9.29 10.51
CA LEU C 110 23.03 8.94 10.26
C LEU C 110 23.97 9.91 10.93
N ALA C 111 25.13 9.40 11.36
CA ALA C 111 26.18 10.23 11.89
C ALA C 111 27.54 9.77 11.35
N LEU C 112 28.43 10.73 11.07
CA LEU C 112 29.72 10.46 10.43
C LEU C 112 30.84 10.94 11.29
N ALA C 113 31.77 10.05 11.61
CA ALA C 113 32.93 10.36 12.43
C ALA C 113 34.08 10.93 11.60
N ALA C 114 34.96 11.68 12.26
CA ALA C 114 36.15 12.23 11.63
C ALA C 114 37.01 11.12 11.04
N THR C 115 37.09 10.01 11.77
CA THR C 115 37.84 8.86 11.31
C THR C 115 37.18 8.07 10.16
N GLY C 116 35.96 8.42 9.75
CA GLY C 116 35.30 7.73 8.63
C GLY C 116 34.16 6.76 8.93
N GLU C 117 34.01 6.33 10.18
CA GLU C 117 32.92 5.42 10.56
C GLU C 117 31.54 6.08 10.46
N VAL C 118 30.57 5.33 9.92
CA VAL C 118 29.19 5.81 9.80
C VAL C 118 28.31 5.06 10.79
N TYR C 119 27.48 5.79 11.51
CA TYR C 119 26.55 5.20 12.48
C TYR C 119 25.14 5.40 11.99
N SER C 120 24.26 4.47 12.30
CA SER C 120 22.84 4.64 11.95
C SER C 120 21.97 4.18 13.09
N TRP C 121 20.81 4.80 13.23
CA TRP C 121 19.82 4.33 14.19
C TRP C 121 18.42 4.80 13.83
N GLY C 122 17.44 4.31 14.59
CA GLY C 122 16.04 4.62 14.36
C GLY C 122 15.35 3.45 13.71
N CYS C 123 14.40 3.76 12.83
CA CYS C 123 13.59 2.76 12.16
C CYS C 123 14.42 1.92 11.19
N GLY C 124 14.13 0.63 11.16
CA GLY C 124 14.90 -0.34 10.39
C GLY C 124 14.24 -0.83 9.12
N ASP C 125 12.98 -0.43 8.89
CA ASP C 125 12.18 -1.02 7.81
C ASP C 125 12.85 -0.83 6.46
N GLY C 126 12.81 -1.88 5.63
CA GLY C 126 13.36 -1.80 4.30
C GLY C 126 14.89 -1.79 4.22
N GLY C 127 15.55 -1.84 5.37
CA GLY C 127 17.01 -1.97 5.42
C GLY C 127 17.72 -0.65 5.43
N ARG C 128 17.00 0.44 5.73
CA ARG C 128 17.56 1.79 5.68
C ARG C 128 18.74 2.05 6.61
N LEU C 129 18.91 1.23 7.67
CA LEU C 129 20.03 1.41 8.60
C LEU C 129 21.34 0.81 8.08
N GLY C 130 21.26 -0.08 7.09
CA GLY C 130 22.48 -0.57 6.42
C GLY C 130 23.24 -1.72 7.07
N HIS C 131 22.64 -2.39 8.04
CA HIS C 131 23.31 -3.48 8.76
C HIS C 131 22.98 -4.86 8.22
N GLY C 132 22.31 -4.95 7.08
CA GLY C 132 21.96 -6.23 6.48
C GLY C 132 20.78 -6.94 7.14
N ASP C 133 19.93 -6.19 7.84
CA ASP C 133 18.66 -6.71 8.34
C ASP C 133 17.65 -5.56 8.39
N THR C 134 16.49 -5.76 8.99
CA THR C 134 15.47 -4.68 9.06
C THR C 134 15.07 -4.36 10.49
N VAL C 135 15.99 -4.59 11.41
CA VAL C 135 15.77 -4.37 12.83
C VAL C 135 15.94 -2.88 13.15
N PRO C 136 14.99 -2.29 13.89
CA PRO C 136 15.13 -0.91 14.34
C PRO C 136 16.08 -0.82 15.53
N LEU C 137 16.74 0.33 15.70
CA LEU C 137 17.77 0.49 16.74
C LEU C 137 17.53 1.74 17.57
N GLU C 138 17.45 1.57 18.89
CA GLU C 138 17.32 2.71 19.79
C GLU C 138 18.61 3.54 19.79
N GLU C 139 19.77 2.88 19.63
CA GLU C 139 21.01 3.58 19.71
C GLU C 139 21.90 3.38 18.51
N PRO C 140 22.76 4.38 18.23
CA PRO C 140 23.66 4.34 17.09
C PRO C 140 24.47 3.07 17.02
N LYS C 141 24.60 2.53 15.81
CA LYS C 141 25.39 1.35 15.53
C LYS C 141 26.23 1.57 14.27
N VAL C 142 27.47 1.12 14.32
CA VAL C 142 28.40 1.32 13.21
C VAL C 142 27.90 0.52 12.05
N ILE C 143 27.87 1.12 10.86
CA ILE C 143 27.64 0.37 9.64
C ILE C 143 28.97 -0.24 9.22
N SER C 144 29.18 -1.52 9.52
CA SER C 144 30.45 -2.17 9.27
C SER C 144 30.83 -2.23 7.78
N ALA C 145 29.85 -2.19 6.89
CA ALA C 145 30.15 -2.06 5.46
C ALA C 145 31.12 -0.90 5.13
N PHE C 146 31.12 0.17 5.93
CA PHE C 146 32.01 1.28 5.65
C PHE C 146 33.29 1.27 6.51
N SER C 147 33.38 0.39 7.50
CA SER C 147 34.56 0.33 8.37
C SER C 147 35.74 -0.36 7.68
N GLY C 148 36.95 -0.07 8.18
CA GLY C 148 38.20 -0.62 7.62
C GLY C 148 38.52 -0.30 6.15
N LYS C 149 37.93 0.77 5.60
CA LYS C 149 38.17 1.19 4.22
C LYS C 149 39.53 1.91 4.12
N GLN C 150 40.06 2.02 2.90
CA GLN C 150 41.42 2.53 2.68
C GLN C 150 41.41 3.90 2.00
N ALA C 151 41.61 4.96 2.77
CA ALA C 151 41.80 6.34 2.25
C ALA C 151 40.60 6.90 1.42
N GLY C 152 40.68 6.84 0.10
CA GLY C 152 39.66 7.39 -0.79
C GLY C 152 38.33 6.65 -0.75
N LYS C 153 38.33 5.47 -0.12
CA LYS C 153 37.08 4.74 0.14
C LYS C 153 36.41 5.19 1.45
N HIS C 154 36.92 6.25 2.09
CA HIS C 154 36.31 6.80 3.32
C HIS C 154 35.12 7.63 2.95
N VAL C 155 34.06 7.51 3.74
CA VAL C 155 32.85 8.29 3.53
C VAL C 155 33.09 9.74 3.96
N VAL C 156 32.64 10.68 3.13
CA VAL C 156 32.75 12.10 3.46
C VAL C 156 31.43 12.87 3.47
N HIS C 157 30.36 12.32 2.89
CA HIS C 157 29.02 12.94 2.94
CA HIS C 157 29.02 12.93 2.96
C HIS C 157 27.97 11.86 3.29
N ILE C 158 26.93 12.27 4.00
CA ILE C 158 25.82 11.36 4.33
C ILE C 158 24.47 12.03 4.07
N ALA C 159 23.45 11.24 3.75
CA ALA C 159 22.15 11.79 3.44
C ALA C 159 21.09 10.79 3.74
N CYS C 160 19.89 11.28 4.08
CA CYS C 160 18.75 10.43 4.32
C CYS C 160 17.58 10.82 3.46
N GLY C 161 16.81 9.81 3.07
CA GLY C 161 15.46 10.01 2.56
C GLY C 161 14.49 9.66 3.65
N SER C 162 13.21 9.67 3.31
CA SER C 162 12.19 9.25 4.28
C SER C 162 12.35 7.78 4.61
N THR C 163 12.73 6.96 3.62
CA THR C 163 12.84 5.51 3.82
C THR C 163 14.11 4.88 3.27
N TYR C 164 15.09 5.69 2.95
CA TYR C 164 16.36 5.19 2.44
C TYR C 164 17.50 6.09 2.85
N SER C 165 18.70 5.74 2.38
CA SER C 165 19.92 6.39 2.82
C SER C 165 20.93 6.48 1.70
N ALA C 166 21.86 7.40 1.80
CA ALA C 166 23.01 7.44 0.89
C ALA C 166 24.31 7.89 1.56
N ALA C 167 25.43 7.64 0.89
CA ALA C 167 26.69 8.17 1.32
C ALA C 167 27.65 8.30 0.15
N ILE C 168 28.55 9.26 0.25
CA ILE C 168 29.54 9.51 -0.79
C ILE C 168 30.96 9.31 -0.20
N THR C 169 31.84 8.62 -0.93
CA THR C 169 33.21 8.43 -0.51
C THR C 169 34.09 9.55 -1.05
N ALA C 170 35.33 9.60 -0.58
CA ALA C 170 36.27 10.64 -0.99
C ALA C 170 36.63 10.51 -2.48
N GLU C 171 36.70 9.27 -2.99
CA GLU C 171 36.88 8.99 -4.46
C GLU C 171 35.71 9.44 -5.33
N GLY C 172 34.52 9.61 -4.76
CA GLY C 172 33.34 9.99 -5.54
C GLY C 172 32.35 8.86 -5.87
N GLU C 173 32.44 7.73 -5.18
CA GLU C 173 31.42 6.70 -5.31
C GLU C 173 30.22 7.07 -4.47
N LEU C 174 29.03 6.71 -4.98
CA LEU C 174 27.77 6.93 -4.31
C LEU C 174 27.15 5.60 -3.94
N TYR C 175 26.81 5.44 -2.67
CA TYR C 175 26.17 4.21 -2.16
C TYR C 175 24.80 4.58 -1.71
N THR C 176 23.80 3.75 -2.02
CA THR C 176 22.45 3.96 -1.52
C THR C 176 21.94 2.67 -0.90
N TRP C 177 20.97 2.77 0.01
CA TRP C 177 20.36 1.59 0.59
C TRP C 177 19.03 1.93 1.26
N GLY C 178 18.24 0.92 1.59
CA GLY C 178 16.92 1.12 2.19
C GLY C 178 15.86 0.68 1.22
N ARG C 179 14.70 1.32 1.26
CA ARG C 179 13.57 0.95 0.39
C ARG C 179 13.87 1.26 -1.05
N GLY C 180 13.37 0.41 -1.95
CA GLY C 180 13.73 0.47 -3.35
C GLY C 180 12.59 0.91 -4.26
N ASN C 181 11.41 1.13 -3.69
CA ASN C 181 10.21 1.45 -4.47
C ASN C 181 10.47 2.54 -5.48
N TYR C 182 9.99 2.33 -6.71
CA TYR C 182 10.12 3.29 -7.82
C TYR C 182 11.56 3.63 -8.19
N GLY C 183 12.48 2.77 -7.79
CA GLY C 183 13.88 2.87 -8.25
C GLY C 183 14.68 3.94 -7.58
N ARG C 184 14.27 4.37 -6.39
CA ARG C 184 14.92 5.48 -5.69
C ARG C 184 16.36 5.19 -5.36
N LEU C 185 16.72 3.94 -5.27
CA LEU C 185 18.13 3.60 -4.97
C LEU C 185 19.04 3.71 -6.20
N GLY C 186 18.47 3.63 -7.40
CA GLY C 186 19.25 3.79 -8.64
C GLY C 186 19.99 2.57 -9.16
N HIS C 187 19.60 1.37 -8.72
CA HIS C 187 20.27 0.14 -9.20
C HIS C 187 19.47 -0.64 -10.24
N GLY C 188 18.58 0.01 -10.97
CA GLY C 188 17.85 -0.66 -12.08
C GLY C 188 16.70 -1.58 -11.70
N SER C 189 16.25 -1.52 -10.45
CA SER C 189 15.10 -2.29 -10.01
C SER C 189 14.47 -1.59 -8.80
N SER C 190 13.45 -2.21 -8.24
CA SER C 190 12.73 -1.67 -7.10
C SER C 190 13.07 -2.42 -5.82
N GLU C 191 14.14 -3.21 -5.87
CA GLU C 191 14.51 -4.10 -4.74
C GLU C 191 15.08 -3.30 -3.56
N ASP C 192 14.61 -3.62 -2.36
CA ASP C 192 15.16 -3.05 -1.14
C ASP C 192 16.59 -3.50 -0.98
N GLU C 193 17.40 -2.74 -0.24
CA GLU C 193 18.78 -3.17 0.07
C GLU C 193 19.17 -2.75 1.48
N ALA C 194 19.56 -3.73 2.27
CA ALA C 194 19.87 -3.56 3.69
C ALA C 194 21.36 -3.37 3.93
N ILE C 195 22.13 -3.38 2.86
CA ILE C 195 23.57 -3.18 2.88
C ILE C 195 23.85 -2.12 1.83
N PRO C 196 24.73 -1.15 2.13
CA PRO C 196 25.01 -0.10 1.13
C PRO C 196 25.46 -0.68 -0.20
N MET C 197 24.93 -0.14 -1.29
CA MET C 197 25.23 -0.65 -2.62
C MET C 197 25.63 0.46 -3.58
N LEU C 198 26.74 0.22 -4.26
CA LEU C 198 27.31 1.14 -5.20
C LEU C 198 26.30 1.48 -6.27
N VAL C 199 26.17 2.76 -6.60
CA VAL C 199 25.39 3.17 -7.76
C VAL C 199 26.25 3.06 -9.04
N ALA C 200 26.23 1.88 -9.66
CA ALA C 200 27.05 1.59 -10.83
C ALA C 200 26.91 2.60 -11.96
N GLY C 201 25.71 3.14 -12.13
CA GLY C 201 25.45 4.12 -13.19
C GLY C 201 26.23 5.42 -13.14
N LEU C 202 26.80 5.74 -11.98
CA LEU C 202 27.70 6.91 -11.82
C LEU C 202 29.17 6.55 -11.57
N LYS C 203 29.50 5.26 -11.54
CA LYS C 203 30.90 4.78 -11.42
C LYS C 203 31.73 5.42 -12.52
N GLY C 204 32.81 6.06 -12.14
CA GLY C 204 33.71 6.73 -13.11
C GLY C 204 33.55 8.24 -13.11
N LEU C 205 32.47 8.73 -12.52
CA LEU C 205 32.30 10.16 -12.31
C LEU C 205 32.46 10.38 -10.84
N LYS C 206 32.94 11.55 -10.46
CA LYS C 206 33.10 11.86 -9.08
C LYS C 206 31.82 12.55 -8.57
N VAL C 207 31.04 11.85 -7.77
CA VAL C 207 29.84 12.43 -7.18
C VAL C 207 30.27 13.31 -6.02
N ILE C 208 29.70 14.51 -5.95
CA ILE C 208 30.02 15.46 -4.88
C ILE C 208 28.85 15.88 -4.00
N ASP C 209 27.62 15.69 -4.46
CA ASP C 209 26.45 15.90 -3.65
C ASP C 209 25.33 14.92 -4.03
N VAL C 210 24.45 14.64 -3.07
CA VAL C 210 23.31 13.78 -3.27
C VAL C 210 22.20 14.24 -2.32
N ALA C 211 20.95 14.14 -2.77
CA ALA C 211 19.79 14.46 -1.93
C ALA C 211 18.67 13.45 -2.16
N CYS C 212 17.98 13.12 -1.08
CA CYS C 212 16.97 12.09 -1.10
C CYS C 212 15.60 12.66 -0.77
N GLY C 213 14.57 12.11 -1.38
CA GLY C 213 13.22 12.58 -1.21
C GLY C 213 12.34 11.72 -0.32
N SER C 214 11.03 11.98 -0.39
CA SER C 214 10.03 11.30 0.42
C SER C 214 8.80 10.89 -0.41
N GLY C 215 7.86 10.23 0.26
CA GLY C 215 6.74 9.54 -0.40
C GLY C 215 7.29 8.70 -1.54
N ASP C 216 6.68 8.83 -2.71
CA ASP C 216 7.21 8.22 -3.93
C ASP C 216 8.36 9.12 -4.32
N ALA C 217 9.56 8.67 -4.00
CA ALA C 217 10.71 9.56 -3.87
C ALA C 217 11.58 9.60 -5.09
N GLN C 218 12.11 10.80 -5.34
CA GLN C 218 13.19 11.03 -6.29
C GLN C 218 14.52 11.09 -5.57
N THR C 219 15.60 10.94 -6.33
CA THR C 219 16.92 11.06 -5.81
C THR C 219 17.70 11.93 -6.77
N LEU C 220 18.50 12.86 -6.27
CA LEU C 220 19.28 13.76 -7.12
C LEU C 220 20.73 13.66 -6.77
N ALA C 221 21.60 13.86 -7.76
CA ALA C 221 23.03 13.89 -7.46
C ALA C 221 23.78 14.83 -8.37
N VAL C 222 24.97 15.24 -7.95
CA VAL C 222 25.78 16.16 -8.73
C VAL C 222 27.16 15.56 -8.82
N THR C 223 27.74 15.62 -10.02
CA THR C 223 29.10 15.16 -10.24
C THR C 223 30.05 16.35 -10.43
N GLU C 224 31.34 16.11 -10.24
CA GLU C 224 32.34 17.18 -10.24
C GLU C 224 32.44 17.92 -11.58
N ASN C 225 32.10 17.24 -12.67
CA ASN C 225 32.12 17.85 -14.02
C ASN C 225 30.94 18.78 -14.30
N GLY C 226 30.10 19.06 -13.30
CA GLY C 226 28.94 19.91 -13.47
C GLY C 226 27.64 19.23 -13.94
N GLN C 227 27.66 17.92 -14.09
CA GLN C 227 26.47 17.23 -14.54
C GLN C 227 25.57 16.96 -13.32
N VAL C 228 24.25 17.05 -13.53
CA VAL C 228 23.26 16.79 -12.50
C VAL C 228 22.43 15.59 -12.95
N TRP C 229 22.05 14.74 -12.00
CA TRP C 229 21.39 13.46 -12.26
C TRP C 229 20.17 13.29 -11.39
N SER C 230 19.17 12.61 -11.94
CA SER C 230 18.00 12.27 -11.16
C SER C 230 17.51 10.89 -11.49
N TRP C 231 16.83 10.27 -10.52
CA TRP C 231 16.17 9.01 -10.74
C TRP C 231 15.14 8.79 -9.64
N GLY C 232 14.36 7.71 -9.76
CA GLY C 232 13.28 7.41 -8.86
C GLY C 232 11.91 7.73 -9.49
N ASP C 233 10.97 8.14 -8.63
CA ASP C 233 9.61 8.39 -9.08
C ASP C 233 9.51 9.71 -9.85
N GLY C 234 8.69 9.73 -10.89
CA GLY C 234 8.62 10.83 -11.82
C GLY C 234 7.45 11.78 -11.66
N ASP C 235 6.53 11.42 -10.77
CA ASP C 235 5.34 12.25 -10.52
C ASP C 235 5.70 13.73 -10.34
N TYR C 236 4.85 14.59 -10.91
CA TYR C 236 4.97 16.05 -10.83
C TYR C 236 6.19 16.61 -11.56
N GLY C 237 6.85 15.78 -12.34
CA GLY C 237 8.04 16.19 -13.11
C GLY C 237 9.26 16.51 -12.28
N LYS C 238 9.27 16.05 -11.03
CA LYS C 238 10.38 16.31 -10.14
C LYS C 238 11.73 15.76 -10.60
N LEU C 239 11.75 14.86 -11.59
CA LEU C 239 13.03 14.37 -12.14
C LEU C 239 13.67 15.39 -13.07
N GLY C 240 12.89 16.32 -13.58
CA GLY C 240 13.40 17.41 -14.41
C GLY C 240 13.51 17.14 -15.90
N ARG C 241 12.85 16.11 -16.41
CA ARG C 241 12.89 15.82 -17.85
C ARG C 241 11.48 15.81 -18.48
N GLY C 242 10.57 16.61 -17.96
CA GLY C 242 9.20 16.65 -18.49
C GLY C 242 8.34 15.49 -18.04
N GLY C 243 7.03 15.62 -18.26
CA GLY C 243 6.07 14.56 -18.00
C GLY C 243 6.12 14.04 -16.58
N SER C 244 5.85 12.76 -16.44
CA SER C 244 5.89 12.17 -15.13
C SER C 244 6.43 10.73 -15.09
N ASP C 245 7.25 10.35 -16.06
CA ASP C 245 7.83 9.00 -16.10
C ASP C 245 8.93 8.86 -15.07
N GLY C 246 8.97 7.73 -14.38
CA GLY C 246 10.06 7.44 -13.44
C GLY C 246 11.22 6.72 -14.12
N CYS C 247 12.31 6.53 -13.39
CA CYS C 247 13.40 5.72 -13.88
C CYS C 247 14.15 5.11 -12.72
N LYS C 248 14.84 4.01 -13.02
CA LYS C 248 15.44 3.20 -11.98
C LYS C 248 16.97 3.20 -11.98
N THR C 249 17.56 4.01 -12.84
CA THR C 249 18.99 4.25 -12.84
C THR C 249 19.20 5.74 -13.13
N PRO C 250 20.35 6.30 -12.72
CA PRO C 250 20.60 7.74 -12.87
C PRO C 250 20.55 8.22 -14.31
N LYS C 251 19.90 9.36 -14.52
CA LYS C 251 19.80 9.97 -15.82
C LYS C 251 20.01 11.46 -15.73
N LEU C 252 20.59 12.02 -16.78
CA LEU C 252 21.07 13.40 -16.78
C LEU C 252 19.91 14.36 -16.81
N ILE C 253 20.04 15.46 -16.08
CA ILE C 253 19.13 16.58 -16.26
C ILE C 253 19.75 17.53 -17.28
N GLU C 254 19.36 17.38 -18.53
CA GLU C 254 19.99 18.12 -19.62
C GLU C 254 19.79 19.64 -19.51
N LYS C 255 18.69 20.09 -18.91
CA LYS C 255 18.42 21.55 -18.82
C LYS C 255 19.40 22.26 -17.92
N LEU C 256 20.06 21.52 -17.04
CA LEU C 256 21.04 22.08 -16.13
C LEU C 256 22.49 22.03 -16.64
N GLN C 257 22.68 21.62 -17.88
CA GLN C 257 24.03 21.55 -18.42
C GLN C 257 24.70 22.92 -18.41
N ASP C 258 25.99 22.92 -18.10
CA ASP C 258 26.86 24.08 -18.20
C ASP C 258 26.50 25.21 -17.24
N LEU C 259 25.78 24.89 -16.17
CA LEU C 259 25.40 25.91 -15.17
C LEU C 259 26.24 25.89 -13.92
N ASP C 260 27.15 24.92 -13.81
CA ASP C 260 28.02 24.82 -12.66
C ASP C 260 27.18 24.64 -11.38
N VAL C 261 26.29 23.65 -11.39
CA VAL C 261 25.51 23.30 -10.21
C VAL C 261 26.40 22.62 -9.20
N VAL C 262 26.25 22.94 -7.92
CA VAL C 262 27.09 22.37 -6.88
C VAL C 262 26.33 21.68 -5.74
N LYS C 263 25.05 21.97 -5.59
CA LYS C 263 24.25 21.33 -4.54
C LYS C 263 22.86 21.06 -5.03
N VAL C 264 22.27 20.00 -4.52
CA VAL C 264 20.87 19.67 -4.76
C VAL C 264 20.17 19.42 -3.43
N ARG C 265 18.86 19.65 -3.43
CA ARG C 265 18.01 19.41 -2.28
C ARG C 265 16.67 18.91 -2.78
N CYS C 266 15.99 18.15 -1.93
CA CYS C 266 14.68 17.60 -2.20
C CYS C 266 13.75 18.03 -1.09
N GLY C 267 12.60 18.59 -1.44
CA GLY C 267 11.52 18.75 -0.47
C GLY C 267 10.50 17.72 -0.87
N SER C 268 9.30 17.79 -0.34
CA SER C 268 8.29 16.81 -0.67
C SER C 268 7.83 17.00 -2.11
N GLN C 269 8.24 16.06 -2.96
CA GLN C 269 7.81 16.00 -4.35
C GLN C 269 8.31 17.16 -5.19
N PHE C 270 9.39 17.81 -4.74
CA PHE C 270 10.05 18.85 -5.55
C PHE C 270 11.54 18.86 -5.31
N SER C 271 12.23 19.54 -6.22
CA SER C 271 13.67 19.42 -6.30
C SER C 271 14.28 20.82 -6.46
N ILE C 272 15.51 20.95 -6.00
CA ILE C 272 16.24 22.20 -5.95
C ILE C 272 17.66 21.99 -6.43
N ALA C 273 18.19 22.94 -7.18
CA ALA C 273 19.60 22.96 -7.53
C ALA C 273 20.16 24.34 -7.31
N LEU C 274 21.42 24.39 -6.92
CA LEU C 274 22.08 25.62 -6.57
C LEU C 274 23.39 25.70 -7.33
N THR C 275 23.65 26.83 -8.00
CA THR C 275 24.89 26.96 -8.77
C THR C 275 26.05 27.49 -7.95
N LYS C 276 27.26 27.30 -8.45
CA LYS C 276 28.47 27.92 -7.87
C LYS C 276 28.36 29.46 -7.80
N ASP C 277 27.64 30.08 -8.74
CA ASP C 277 27.49 31.53 -8.75
C ASP C 277 26.18 32.01 -8.09
N GLY C 278 25.52 31.12 -7.35
CA GLY C 278 24.45 31.51 -6.43
C GLY C 278 23.06 31.59 -6.97
N GLN C 279 22.84 31.02 -8.15
CA GLN C 279 21.50 30.93 -8.69
C GLN C 279 20.82 29.64 -8.21
N VAL C 280 19.50 29.69 -8.10
CA VAL C 280 18.69 28.57 -7.60
C VAL C 280 17.67 28.16 -8.65
N TYR C 281 17.51 26.87 -8.87
CA TYR C 281 16.46 26.36 -9.73
C TYR C 281 15.57 25.45 -8.91
N SER C 282 14.26 25.53 -9.12
CA SER C 282 13.35 24.63 -8.47
C SER C 282 12.40 24.07 -9.50
N TRP C 283 11.99 22.83 -9.27
CA TRP C 283 11.02 22.18 -10.13
C TRP C 283 10.34 21.04 -9.36
N GLY C 284 9.25 20.52 -9.90
CA GLY C 284 8.43 19.51 -9.24
C GLY C 284 7.01 20.01 -8.91
N LYS C 285 6.46 19.50 -7.80
CA LYS C 285 5.08 19.77 -7.43
C LYS C 285 4.91 21.22 -6.97
N GLY C 286 3.80 21.84 -7.36
CA GLY C 286 3.60 23.27 -7.20
C GLY C 286 2.73 23.66 -6.03
N ASP C 287 2.05 22.69 -5.41
CA ASP C 287 1.03 22.98 -4.40
C ASP C 287 1.63 23.73 -3.26
N ASN C 288 0.82 24.63 -2.69
CA ASN C 288 1.17 25.37 -1.50
C ASN C 288 2.37 26.29 -1.74
N GLN C 289 2.62 26.65 -3.00
CA GLN C 289 3.68 27.57 -3.40
C GLN C 289 5.09 27.08 -3.10
N ARG C 290 5.28 25.77 -2.99
CA ARG C 290 6.56 25.24 -2.51
C ARG C 290 7.74 25.52 -3.45
N LEU C 291 7.47 25.75 -4.72
CA LEU C 291 8.55 26.04 -5.69
C LEU C 291 9.05 27.49 -5.68
N GLY C 292 8.26 28.42 -5.17
CA GLY C 292 8.65 29.84 -5.08
C GLY C 292 8.52 30.70 -6.34
N HIS C 293 7.92 30.18 -7.40
CA HIS C 293 7.81 30.93 -8.64
C HIS C 293 6.59 31.83 -8.70
N GLY C 294 5.69 31.73 -7.72
CA GLY C 294 4.57 32.67 -7.61
C GLY C 294 3.19 32.12 -7.99
N THR C 295 3.17 30.91 -8.54
CA THR C 295 1.91 30.18 -8.78
C THR C 295 2.09 28.74 -8.32
N GLU C 296 1.01 27.96 -8.38
CA GLU C 296 1.02 26.57 -7.87
C GLU C 296 1.05 25.54 -8.99
N GLU C 297 1.29 25.98 -10.21
CA GLU C 297 1.44 25.04 -11.35
C GLU C 297 2.69 24.12 -11.10
N HIS C 298 2.54 22.83 -11.36
CA HIS C 298 3.67 21.91 -11.36
C HIS C 298 4.62 22.38 -12.44
N VAL C 299 5.92 22.21 -12.20
CA VAL C 299 6.95 22.66 -13.14
C VAL C 299 7.82 21.47 -13.43
N ARG C 300 7.89 21.08 -14.69
CA ARG C 300 8.42 19.77 -15.04
C ARG C 300 9.83 19.79 -15.60
N TYR C 301 10.38 20.98 -15.73
CA TYR C 301 11.80 21.16 -16.01
C TYR C 301 12.36 22.22 -15.06
N PRO C 302 13.64 22.12 -14.72
CA PRO C 302 14.24 23.09 -13.82
C PRO C 302 13.97 24.49 -14.25
N LYS C 303 13.54 25.35 -13.34
CA LYS C 303 13.20 26.72 -13.67
C LYS C 303 13.93 27.66 -12.71
N LEU C 304 14.56 28.70 -13.27
CA LEU C 304 15.26 29.67 -12.46
C LEU C 304 14.29 30.39 -11.51
N LEU C 305 14.67 30.47 -10.25
CA LEU C 305 13.87 31.11 -9.21
C LEU C 305 14.14 32.62 -9.22
N GLU C 306 13.30 33.36 -9.95
CA GLU C 306 13.57 34.76 -10.27
C GLU C 306 13.65 35.64 -9.02
N GLY C 307 12.85 35.32 -8.01
CA GLY C 307 12.81 36.10 -6.78
C GLY C 307 14.14 36.24 -6.03
N LEU C 308 15.11 35.39 -6.36
CA LEU C 308 16.46 35.44 -5.76
C LEU C 308 17.57 35.92 -6.72
N GLN C 309 17.25 36.13 -8.00
CA GLN C 309 18.21 36.78 -8.91
C GLN C 309 18.64 38.12 -8.27
N GLY C 310 19.90 38.47 -8.43
CA GLY C 310 20.49 39.62 -7.74
C GLY C 310 21.20 39.21 -6.46
N LYS C 311 20.72 38.15 -5.81
CA LYS C 311 21.34 37.67 -4.59
C LYS C 311 22.19 36.47 -4.91
N LYS C 312 23.31 36.34 -4.21
CA LYS C 312 24.21 35.21 -4.36
C LYS C 312 23.95 34.20 -3.26
N VAL C 313 23.22 33.15 -3.58
CA VAL C 313 22.80 32.19 -2.57
C VAL C 313 23.91 31.18 -2.31
N ILE C 314 24.20 30.94 -1.02
CA ILE C 314 25.26 29.99 -0.66
C ILE C 314 24.74 28.71 -0.04
N ASP C 315 23.49 28.70 0.40
CA ASP C 315 22.84 27.45 0.81
C ASP C 315 21.31 27.58 0.72
N VAL C 316 20.67 26.43 0.51
CA VAL C 316 19.22 26.33 0.52
C VAL C 316 18.85 25.16 1.39
N ALA C 317 17.82 25.32 2.21
CA ALA C 317 17.36 24.24 3.07
C ALA C 317 15.89 24.03 2.74
N ALA C 318 15.56 22.80 2.35
CA ALA C 318 14.22 22.48 1.92
C ALA C 318 13.57 21.66 3.01
N GLY C 319 12.52 22.18 3.62
CA GLY C 319 11.66 21.40 4.52
C GLY C 319 10.71 20.61 3.65
N SER C 320 9.60 20.14 4.22
CA SER C 320 8.64 19.39 3.43
C SER C 320 8.03 20.25 2.33
N THR C 321 7.41 21.35 2.74
CA THR C 321 6.72 22.24 1.81
C THR C 321 7.13 23.72 1.95
N HIS C 322 8.28 23.98 2.55
CA HIS C 322 8.83 25.32 2.62
C HIS C 322 10.35 25.28 2.52
N CYS C 323 10.96 26.41 2.19
CA CYS C 323 12.41 26.49 2.03
C CYS C 323 12.98 27.73 2.63
N LEU C 324 14.26 27.65 2.99
CA LEU C 324 15.07 28.81 3.34
C LEU C 324 16.24 28.87 2.38
N ALA C 325 16.72 30.07 2.14
CA ALA C 325 17.96 30.30 1.41
C ALA C 325 18.83 31.33 2.12
N LEU C 326 20.10 31.00 2.28
CA LEU C 326 21.06 31.89 2.88
C LEU C 326 21.93 32.51 1.79
N THR C 327 22.13 33.82 1.85
CA THR C 327 22.96 34.52 0.86
C THR C 327 24.36 34.79 1.40
N GLU C 328 25.28 35.01 0.47
CA GLU C 328 26.67 35.41 0.75
C GLU C 328 26.74 36.57 1.74
N ASP C 329 25.86 37.57 1.58
CA ASP C 329 25.80 38.75 2.46
C ASP C 329 24.86 38.53 3.66
N SER C 330 24.59 37.27 3.99
CA SER C 330 23.97 36.90 5.26
C SER C 330 22.45 37.19 5.39
N GLU C 331 21.76 37.44 4.29
CA GLU C 331 20.30 37.54 4.32
C GLU C 331 19.69 36.14 4.31
N VAL C 332 18.57 35.97 4.99
CA VAL C 332 17.85 34.70 4.98
C VAL C 332 16.47 34.86 4.35
N HIS C 333 16.26 34.26 3.19
CA HIS C 333 15.01 34.34 2.42
C HIS C 333 14.21 33.08 2.64
N SER C 334 12.89 33.17 2.54
CA SER C 334 12.05 31.99 2.61
C SER C 334 10.85 32.10 1.69
N TRP C 335 10.23 30.97 1.41
CA TRP C 335 9.01 30.90 0.60
C TRP C 335 8.32 29.56 0.81
N GLY C 336 7.08 29.47 0.37
CA GLY C 336 6.35 28.21 0.39
C GLY C 336 5.20 28.19 1.36
N SER C 337 4.92 27.00 1.88
CA SER C 337 3.73 26.79 2.70
C SER C 337 3.87 27.50 4.03
N ASN C 338 2.75 28.00 4.55
CA ASN C 338 2.71 28.67 5.86
C ASN C 338 1.53 28.18 6.73
N ASP C 339 1.18 26.91 6.56
CA ASP C 339 0.07 26.30 7.32
C ASP C 339 0.34 26.23 8.82
N GLN C 340 1.63 26.18 9.19
CA GLN C 340 2.08 26.09 10.58
C GLN C 340 3.06 27.22 10.96
N CYS C 341 2.86 28.40 10.39
CA CYS C 341 3.73 29.54 10.69
C CYS C 341 5.22 29.33 10.42
N GLN C 342 5.55 28.59 9.37
CA GLN C 342 6.95 28.39 8.96
C GLN C 342 7.61 29.71 8.58
N HIS C 343 6.79 30.73 8.32
CA HIS C 343 7.24 32.07 7.94
C HIS C 343 6.65 33.08 8.89
N PHE C 344 7.49 33.63 9.75
CA PHE C 344 7.00 34.54 10.78
C PHE C 344 6.72 35.94 10.24
N ASP C 345 6.97 36.19 8.96
CA ASP C 345 6.78 37.53 8.38
C ASP C 345 5.49 37.66 7.58
N THR C 346 4.68 36.61 7.51
CA THR C 346 3.43 36.66 6.76
C THR C 346 2.27 36.01 7.52
N LEU C 347 1.10 36.63 7.43
CA LEU C 347 -0.10 36.13 8.09
C LEU C 347 -0.79 35.07 7.21
N ARG C 348 -0.71 35.24 5.89
CA ARG C 348 -1.44 34.36 4.95
C ARG C 348 -0.91 32.93 4.98
N VAL C 349 -1.69 32.00 4.46
CA VAL C 349 -1.38 30.55 4.54
C VAL C 349 -0.26 30.10 3.60
N THR C 350 0.14 30.96 2.68
CA THR C 350 1.37 30.74 1.88
C THR C 350 2.19 32.01 1.73
N LYS C 351 3.47 31.82 1.40
CA LYS C 351 4.38 32.90 1.00
C LYS C 351 4.82 32.57 -0.41
N PRO C 352 4.11 33.11 -1.42
CA PRO C 352 4.31 32.73 -2.82
C PRO C 352 5.73 32.90 -3.36
N GLU C 353 6.34 34.05 -3.09
CA GLU C 353 7.66 34.34 -3.63
C GLU C 353 8.67 34.54 -2.53
N PRO C 354 9.95 34.27 -2.84
CA PRO C 354 11.02 34.49 -1.87
C PRO C 354 11.17 35.95 -1.47
N ALA C 355 11.50 36.17 -0.21
CA ALA C 355 11.71 37.52 0.32
C ALA C 355 12.49 37.39 1.62
N ALA C 356 13.35 38.37 1.87
CA ALA C 356 14.17 38.36 3.05
C ALA C 356 13.29 38.36 4.28
N LEU C 357 13.64 37.55 5.27
CA LEU C 357 13.02 37.62 6.57
C LEU C 357 13.66 38.76 7.32
N PRO C 358 12.86 39.60 7.98
CA PRO C 358 13.39 40.73 8.73
C PRO C 358 13.98 40.30 10.08
N GLY C 359 14.81 41.16 10.65
CA GLY C 359 15.50 40.88 11.91
C GLY C 359 16.83 40.15 11.78
N LEU C 360 17.03 39.40 10.69
CA LEU C 360 18.14 38.44 10.55
C LEU C 360 19.39 38.93 9.80
N ASP C 361 19.23 40.01 9.02
CA ASP C 361 20.34 40.60 8.24
C ASP C 361 21.55 40.96 9.12
N THR C 362 21.31 41.33 10.39
CA THR C 362 22.33 41.87 11.30
C THR C 362 23.03 40.82 12.19
N LYS C 363 22.73 39.53 12.00
CA LYS C 363 23.18 38.46 12.93
C LYS C 363 24.29 37.53 12.40
N HIS C 364 24.77 37.80 11.20
CA HIS C 364 25.81 36.98 10.58
C HIS C 364 25.44 35.51 10.66
N ILE C 365 24.31 35.16 10.06
CA ILE C 365 23.88 33.77 9.99
C ILE C 365 24.81 33.02 9.05
N VAL C 366 25.17 31.80 9.45
CA VAL C 366 26.00 30.92 8.62
C VAL C 366 25.36 29.57 8.34
N GLY C 367 24.30 29.22 9.05
CA GLY C 367 23.63 27.94 8.83
C GLY C 367 22.13 28.07 8.89
N ILE C 368 21.46 27.23 8.11
CA ILE C 368 20.01 27.14 8.10
C ILE C 368 19.58 25.68 8.02
N ALA C 369 18.36 25.39 8.47
CA ALA C 369 17.83 24.03 8.42
C ALA C 369 16.32 24.08 8.54
N CYS C 370 15.63 23.15 7.90
CA CYS C 370 14.15 23.06 7.95
C CYS C 370 13.65 21.68 8.34
N GLY C 371 12.68 21.64 9.24
CA GLY C 371 11.90 20.46 9.52
C GLY C 371 10.63 20.49 8.69
N PRO C 372 9.68 19.63 9.02
CA PRO C 372 8.41 19.65 8.29
C PRO C 372 7.53 20.90 8.59
N ALA C 373 7.63 21.45 9.78
CA ALA C 373 6.89 22.68 10.10
C ALA C 373 7.75 23.67 10.91
N GLN C 374 9.07 23.60 10.71
CA GLN C 374 10.03 24.31 11.53
C GLN C 374 11.16 24.85 10.68
N SER C 375 11.77 25.92 11.16
CA SER C 375 12.93 26.50 10.51
C SER C 375 13.91 26.97 11.57
N PHE C 376 15.19 26.75 11.31
CA PHE C 376 16.25 27.21 12.20
C PHE C 376 17.32 27.96 11.44
N ALA C 377 17.96 28.91 12.12
CA ALA C 377 19.08 29.64 11.55
C ALA C 377 20.06 29.95 12.65
N TRP C 378 21.35 29.75 12.41
CA TRP C 378 22.36 30.06 13.44
C TRP C 378 23.57 30.84 12.92
N SER C 379 24.10 31.69 13.79
CA SER C 379 25.36 32.36 13.57
C SER C 379 26.49 31.39 13.90
N SER C 380 27.73 31.83 13.77
CA SER C 380 28.86 30.95 14.03
C SER C 380 29.14 30.81 15.53
N CYS C 381 29.57 29.63 15.94
CA CYS C 381 29.97 29.39 17.33
C CYS C 381 31.46 29.76 17.53
N SER C 382 32.31 29.41 16.57
#